data_8ZTM
#
_entry.id   8ZTM
#
_cell.length_a   1.00
_cell.length_b   1.00
_cell.length_c   1.00
_cell.angle_alpha   90.00
_cell.angle_beta   90.00
_cell.angle_gamma   90.00
#
_symmetry.space_group_name_H-M   'P 1'
#
loop_
_entity.id
_entity.type
_entity.pdbx_description
1 polymer 'Aluminum-activated malate transporter 9'
2 non-polymer 1,2-DIACYL-GLYCEROL-3-SN-PHOSPHATE
3 non-polymer 'PALMITIC ACID'
4 water water
#
_entity_poly.entity_id   1
_entity_poly.type   'polypeptide(L)'
_entity_poly.pdbx_seq_one_letter_code
;MAAKQGSFRHGILEKRERLLSNNGFSDFRFTDIESNDLLENENCGRRTRLCCCCSCGNLSEKISGVYDDAKDVARKAWEM
GVSDPRKIVFSAKIGLALTIVALLIFYQEPNPDLSRYSVWAILTVVVVFEFTIGATLSKGFNRALGTLSAGGLALGMAEL
STLFGDWEEIFCTLSIFCIGFLATFMKLYPSMKAYEYGFRVFLLTYCYILISGFRTGQFIEVAISRFLLIALGAGVSLGV
NMFIYPIWAGEDLHNLVVKNFMNVATSLEGCVNGYLRCLEYERIPSKILTYQASEDPVYKGYRSAVESTSQEESLMSFAI
WEPPHGPYKSFNYPWKNYVKLSGALKHCAFTVMALHGCILSEIQAPEERRQVFRQELQRVGVEGAKLLRELGEKVKKMEK
LGPVDLLFEVHLAAEELQHKIDKKSYLLVNSECWEIGNRATKESEPQELLSLEDSDPPENHAPPIYAFKSLSEAVLEIPP
SWGEKNHREALNHRPTFSKQVSWPARLVLPPHLETTNGASPLVETTKTYESASALSLATFASLLIEFVARLQNVVDAFKE
LSQKANFKEPEIVTTGTDVEFSGERVGLGQKIRRCFGM
;
_entity_poly.pdbx_strand_id   A,B
#
loop_
_chem_comp.id
_chem_comp.type
_chem_comp.name
_chem_comp.formula
3PH non-polymer 1,2-DIACYL-GLYCEROL-3-SN-PHOSPHATE 'C39 H77 O8 P'
PLM non-polymer 'PALMITIC ACID' 'C16 H32 O2'
#
# COMPACT_ATOMS: atom_id res chain seq x y z
N ALA A 77 -8.22 -9.45 -20.63
CA ALA A 77 -8.21 -10.53 -21.60
C ALA A 77 -9.47 -11.36 -21.45
N TRP A 78 -9.58 -12.43 -22.26
CA TRP A 78 -10.74 -13.30 -22.16
C TRP A 78 -10.81 -13.93 -20.77
N GLU A 79 -9.67 -14.41 -20.27
CA GLU A 79 -9.64 -15.03 -18.95
C GLU A 79 -10.00 -14.03 -17.85
N MET A 80 -9.45 -12.82 -17.93
CA MET A 80 -9.71 -11.83 -16.90
C MET A 80 -11.17 -11.40 -16.91
N GLY A 81 -11.74 -11.24 -18.11
CA GLY A 81 -13.14 -10.85 -18.19
C GLY A 81 -14.06 -11.95 -17.68
N VAL A 82 -13.80 -13.20 -18.08
CA VAL A 82 -14.66 -14.30 -17.68
C VAL A 82 -14.57 -14.54 -16.17
N SER A 83 -13.37 -14.38 -15.60
CA SER A 83 -13.22 -14.58 -14.17
C SER A 83 -14.04 -13.57 -13.37
N ASP A 84 -14.01 -12.30 -13.78
CA ASP A 84 -14.77 -11.24 -13.13
C ASP A 84 -15.53 -10.47 -14.21
N PRO A 85 -16.73 -10.89 -14.56
CA PRO A 85 -17.50 -10.21 -15.61
C PRO A 85 -17.86 -8.76 -15.26
N ARG A 86 -17.54 -8.31 -14.06
CA ARG A 86 -17.81 -6.93 -13.68
C ARG A 86 -17.03 -5.94 -14.53
N LYS A 87 -15.78 -6.25 -14.84
CA LYS A 87 -14.94 -5.29 -15.56
C LYS A 87 -15.48 -5.00 -16.95
N ILE A 88 -16.16 -5.96 -17.58
CA ILE A 88 -16.74 -5.72 -18.89
C ILE A 88 -17.89 -4.73 -18.77
N VAL A 89 -18.68 -4.85 -17.71
CA VAL A 89 -19.80 -3.93 -17.53
C VAL A 89 -19.28 -2.54 -17.22
N PHE A 90 -18.24 -2.43 -16.40
CA PHE A 90 -17.69 -1.11 -16.09
C PHE A 90 -17.11 -0.45 -17.36
N SER A 91 -16.42 -1.23 -18.19
CA SER A 91 -15.86 -0.66 -19.41
C SER A 91 -16.94 -0.21 -20.37
N ALA A 92 -18.09 -0.90 -20.36
CA ALA A 92 -19.10 -0.53 -21.32
C ALA A 92 -20.01 0.55 -20.77
N LYS A 93 -20.00 0.76 -19.46
CA LYS A 93 -20.71 1.89 -18.88
C LYS A 93 -19.93 3.17 -19.11
N ILE A 94 -18.59 3.09 -19.08
CA ILE A 94 -17.80 4.27 -19.41
C ILE A 94 -17.95 4.60 -20.89
N GLY A 95 -17.95 3.58 -21.75
CA GLY A 95 -18.19 3.84 -23.15
C GLY A 95 -19.57 4.41 -23.43
N LEU A 96 -20.58 3.97 -22.67
CA LEU A 96 -21.92 4.50 -22.85
C LEU A 96 -22.00 5.96 -22.45
N ALA A 97 -21.35 6.34 -21.34
CA ALA A 97 -21.45 7.73 -20.93
C ALA A 97 -20.73 8.64 -21.92
N LEU A 98 -19.59 8.17 -22.46
CA LEU A 98 -18.89 8.97 -23.45
C LEU A 98 -19.72 9.14 -24.73
N THR A 99 -20.39 8.07 -25.18
CA THR A 99 -21.23 8.20 -26.36
C THR A 99 -22.41 9.13 -26.12
N ILE A 100 -23.07 9.01 -24.96
CA ILE A 100 -24.24 9.84 -24.68
C ILE A 100 -23.85 11.30 -24.57
N VAL A 101 -22.58 11.59 -24.28
CA VAL A 101 -22.16 12.99 -24.23
C VAL A 101 -21.75 13.49 -25.60
N ALA A 102 -21.00 12.68 -26.36
CA ALA A 102 -20.58 13.11 -27.69
C ALA A 102 -21.75 13.29 -28.64
N LEU A 103 -22.89 12.62 -28.40
CA LEU A 103 -24.04 12.85 -29.28
C LEU A 103 -24.64 14.23 -29.06
N LEU A 104 -24.77 14.65 -27.80
CA LEU A 104 -25.26 15.99 -27.53
C LEU A 104 -24.28 17.02 -28.06
N ILE A 105 -22.98 16.78 -27.87
CA ILE A 105 -22.00 17.77 -28.32
C ILE A 105 -22.07 17.92 -29.83
N PHE A 106 -22.16 16.80 -30.55
CA PHE A 106 -22.06 16.87 -32.01
C PHE A 106 -23.37 17.27 -32.66
N TYR A 107 -24.49 17.26 -31.93
CA TYR A 107 -25.76 17.64 -32.52
C TYR A 107 -26.37 18.90 -31.92
N GLN A 108 -25.67 19.56 -30.99
CA GLN A 108 -26.19 20.79 -30.41
C GLN A 108 -26.12 21.94 -31.42
N GLU A 109 -27.15 22.79 -31.41
CA GLU A 109 -27.21 23.90 -32.34
C GLU A 109 -26.13 24.95 -32.00
N PRO A 110 -25.69 25.73 -32.99
CA PRO A 110 -24.66 26.74 -32.74
C PRO A 110 -25.09 27.74 -31.68
N ASN A 111 -24.14 28.13 -30.84
CA ASN A 111 -24.36 29.13 -29.80
C ASN A 111 -23.12 30.00 -29.72
N PRO A 112 -23.26 31.24 -29.23
CA PRO A 112 -22.10 32.12 -29.09
C PRO A 112 -21.32 31.93 -27.80
N ASP A 113 -21.70 30.96 -26.97
CA ASP A 113 -21.07 30.74 -25.67
C ASP A 113 -20.56 29.33 -25.48
N LEU A 114 -21.27 28.33 -26.01
CA LEU A 114 -20.94 26.94 -25.76
C LEU A 114 -20.73 26.14 -27.04
N SER A 115 -20.43 26.83 -28.15
CA SER A 115 -20.11 26.16 -29.41
C SER A 115 -18.61 25.99 -29.63
N ARG A 116 -17.77 26.44 -28.70
CA ARG A 116 -16.33 26.28 -28.87
C ARG A 116 -15.69 25.75 -27.58
N TYR A 117 -16.32 26.02 -26.44
CA TYR A 117 -15.79 25.58 -25.16
C TYR A 117 -16.58 24.40 -24.61
N SER A 118 -17.23 23.63 -25.48
CA SER A 118 -18.03 22.51 -25.03
C SER A 118 -17.18 21.32 -24.63
N VAL A 119 -15.91 21.30 -25.04
CA VAL A 119 -15.04 20.16 -24.75
C VAL A 119 -14.92 19.91 -23.25
N TRP A 120 -15.20 20.93 -22.43
CA TRP A 120 -15.08 20.79 -20.98
C TRP A 120 -16.14 19.85 -20.39
N ALA A 121 -17.06 19.35 -21.20
CA ALA A 121 -18.10 18.45 -20.73
C ALA A 121 -17.77 16.97 -20.91
N ILE A 122 -17.01 16.63 -21.94
CA ILE A 122 -16.69 15.23 -22.19
C ILE A 122 -15.45 14.78 -21.45
N LEU A 123 -14.62 15.72 -20.99
CA LEU A 123 -13.42 15.40 -20.23
C LEU A 123 -13.68 15.25 -18.74
N THR A 124 -14.85 15.71 -18.26
CA THR A 124 -15.23 15.49 -16.87
C THR A 124 -15.69 14.06 -16.63
N VAL A 125 -16.27 13.42 -17.66
CA VAL A 125 -16.68 12.02 -17.54
C VAL A 125 -15.47 11.15 -17.25
N VAL A 126 -14.33 11.46 -17.86
CA VAL A 126 -13.14 10.65 -17.69
C VAL A 126 -12.47 10.87 -16.35
N VAL A 127 -12.83 11.94 -15.63
CA VAL A 127 -12.16 12.27 -14.38
C VAL A 127 -13.02 11.97 -13.15
N VAL A 128 -14.35 12.01 -13.26
CA VAL A 128 -15.20 11.82 -12.09
C VAL A 128 -15.84 10.44 -12.03
N PHE A 129 -15.57 9.56 -12.99
CA PHE A 129 -16.19 8.24 -13.05
C PHE A 129 -15.31 7.24 -12.30
N GLU A 130 -15.77 6.83 -11.12
CA GLU A 130 -15.06 5.88 -10.27
C GLU A 130 -15.69 4.49 -10.36
N PHE A 131 -15.24 3.58 -9.51
CA PHE A 131 -15.65 2.18 -9.59
C PHE A 131 -16.86 1.87 -8.71
N THR A 132 -17.06 2.63 -7.63
CA THR A 132 -18.19 2.47 -6.73
C THR A 132 -18.95 3.78 -6.61
N ILE A 133 -20.17 3.69 -6.08
CA ILE A 133 -21.00 4.89 -5.88
C ILE A 133 -20.40 5.80 -4.82
N GLY A 134 -19.97 5.22 -3.69
CA GLY A 134 -19.48 6.03 -2.59
C GLY A 134 -18.19 6.76 -2.92
N ALA A 135 -17.31 6.11 -3.68
CA ALA A 135 -16.09 6.79 -4.10
C ALA A 135 -16.44 7.97 -5.02
N THR A 136 -17.40 7.77 -5.92
CA THR A 136 -17.78 8.86 -6.81
C THR A 136 -18.34 10.05 -6.03
N LEU A 137 -19.17 9.77 -5.01
CA LEU A 137 -19.78 10.87 -4.27
C LEU A 137 -18.74 11.62 -3.45
N SER A 138 -17.84 10.89 -2.78
CA SER A 138 -16.89 11.56 -1.89
C SER A 138 -15.83 12.33 -2.69
N LYS A 139 -15.31 11.73 -3.75
CA LYS A 139 -14.30 12.42 -4.55
C LYS A 139 -14.90 13.62 -5.25
N GLY A 140 -16.14 13.51 -5.75
CA GLY A 140 -16.76 14.67 -6.38
C GLY A 140 -17.00 15.79 -5.40
N PHE A 141 -17.33 15.46 -4.15
CA PHE A 141 -17.48 16.51 -3.15
C PHE A 141 -16.15 17.21 -2.88
N ASN A 142 -15.07 16.44 -2.83
CA ASN A 142 -13.76 17.06 -2.58
C ASN A 142 -13.34 17.95 -3.73
N ARG A 143 -13.54 17.49 -4.97
CA ARG A 143 -13.12 18.28 -6.12
C ARG A 143 -13.94 19.55 -6.26
N ALA A 144 -15.24 19.49 -5.96
CA ALA A 144 -16.03 20.71 -6.02
C ALA A 144 -15.66 21.69 -4.91
N LEU A 145 -15.19 21.18 -3.77
CA LEU A 145 -14.77 22.10 -2.71
C LEU A 145 -13.49 22.81 -3.09
N GLY A 146 -12.53 22.06 -3.63
CA GLY A 146 -11.27 22.67 -4.03
C GLY A 146 -11.46 23.67 -5.16
N THR A 147 -12.30 23.32 -6.15
CA THR A 147 -12.50 24.24 -7.27
C THR A 147 -13.18 25.52 -6.81
N LEU A 148 -14.19 25.43 -5.95
CA LEU A 148 -14.90 26.65 -5.59
C LEU A 148 -14.07 27.54 -4.68
N SER A 149 -13.21 26.94 -3.85
CA SER A 149 -12.35 27.77 -3.02
C SER A 149 -11.27 28.45 -3.85
N ALA A 150 -10.67 27.72 -4.79
CA ALA A 150 -9.64 28.32 -5.63
C ALA A 150 -10.23 29.44 -6.49
N GLY A 151 -11.43 29.26 -7.01
CA GLY A 151 -12.05 30.31 -7.79
C GLY A 151 -12.39 31.55 -6.99
N GLY A 152 -12.87 31.37 -5.74
CA GLY A 152 -13.16 32.54 -4.93
C GLY A 152 -11.91 33.31 -4.53
N LEU A 153 -10.82 32.58 -4.23
CA LEU A 153 -9.59 33.26 -3.85
C LEU A 153 -8.95 33.94 -5.05
N ALA A 154 -9.01 33.33 -6.24
CA ALA A 154 -8.47 33.96 -7.42
C ALA A 154 -9.25 35.21 -7.79
N LEU A 155 -10.58 35.18 -7.67
CA LEU A 155 -11.36 36.37 -7.96
C LEU A 155 -11.01 37.49 -6.99
N GLY A 156 -10.84 37.17 -5.70
CA GLY A 156 -10.48 38.20 -4.75
C GLY A 156 -9.10 38.78 -5.03
N MET A 157 -8.13 37.92 -5.36
CA MET A 157 -6.79 38.42 -5.66
C MET A 157 -6.79 39.32 -6.88
N ALA A 158 -7.49 38.91 -7.94
CA ALA A 158 -7.52 39.72 -9.16
C ALA A 158 -8.18 41.07 -8.90
N GLU A 159 -9.27 41.08 -8.12
CA GLU A 159 -9.90 42.34 -7.79
C GLU A 159 -8.98 43.23 -6.95
N LEU A 160 -8.24 42.64 -6.02
CA LEU A 160 -7.38 43.44 -5.14
C LEU A 160 -6.14 43.97 -5.86
N SER A 161 -5.66 43.26 -6.88
CA SER A 161 -4.41 43.66 -7.52
C SER A 161 -4.49 45.04 -8.17
N THR A 162 -5.67 45.43 -8.67
CA THR A 162 -5.81 46.67 -9.41
C THR A 162 -5.54 47.92 -8.57
N LEU A 163 -5.48 47.79 -7.24
CA LEU A 163 -5.30 48.97 -6.40
C LEU A 163 -3.97 49.67 -6.71
N PHE A 164 -2.89 48.91 -6.84
CA PHE A 164 -1.58 49.53 -7.05
C PHE A 164 -1.54 50.30 -8.37
N GLY A 165 -2.04 49.70 -9.45
CA GLY A 165 -2.13 50.36 -10.73
C GLY A 165 -0.86 50.37 -11.56
N ASP A 166 0.29 49.99 -11.00
CA ASP A 166 1.53 49.97 -11.74
C ASP A 166 2.37 48.71 -11.53
N TRP A 167 2.09 47.91 -10.50
CA TRP A 167 2.82 46.68 -10.23
C TRP A 167 1.88 45.47 -10.25
N GLU A 168 0.88 45.49 -11.12
CA GLU A 168 -0.03 44.36 -11.21
C GLU A 168 0.70 43.09 -11.64
N GLU A 169 1.57 43.19 -12.65
CA GLU A 169 2.28 42.01 -13.13
C GLU A 169 3.29 41.49 -12.12
N ILE A 170 3.64 42.27 -11.11
CA ILE A 170 4.52 41.81 -10.04
C ILE A 170 3.73 41.23 -8.89
N PHE A 171 2.60 41.85 -8.54
CA PHE A 171 1.74 41.31 -7.50
C PHE A 171 1.18 39.95 -7.91
N CYS A 172 0.74 39.83 -9.17
CA CYS A 172 0.23 38.55 -9.65
C CYS A 172 1.32 37.51 -9.77
N THR A 173 2.59 37.93 -9.93
CA THR A 173 3.68 36.98 -9.94
C THR A 173 4.04 36.51 -8.53
N LEU A 174 3.88 37.38 -7.53
CA LEU A 174 4.17 36.99 -6.15
C LEU A 174 3.05 36.13 -5.57
N SER A 175 1.81 36.35 -6.03
CA SER A 175 0.70 35.52 -5.55
C SER A 175 0.92 34.06 -5.95
N ILE A 176 1.41 33.83 -7.16
CA ILE A 176 1.64 32.47 -7.63
C ILE A 176 2.69 31.79 -6.75
N PHE A 177 3.76 32.50 -6.41
CA PHE A 177 4.79 31.91 -5.56
C PHE A 177 4.22 31.54 -4.21
N CYS A 178 3.45 32.44 -3.60
CA CYS A 178 2.99 32.19 -2.24
C CYS A 178 1.98 31.03 -2.21
N ILE A 179 1.00 31.07 -3.11
CA ILE A 179 -0.02 30.01 -3.10
C ILE A 179 0.57 28.67 -3.49
N GLY A 180 1.50 28.65 -4.45
CA GLY A 180 2.12 27.39 -4.82
C GLY A 180 2.97 26.81 -3.73
N PHE A 181 3.62 27.68 -2.93
CA PHE A 181 4.41 27.19 -1.81
C PHE A 181 3.51 26.56 -0.76
N LEU A 182 2.43 27.25 -0.41
CA LEU A 182 1.57 26.72 0.65
C LEU A 182 0.84 25.47 0.19
N ALA A 183 0.36 25.46 -1.06
CA ALA A 183 -0.34 24.29 -1.58
C ALA A 183 0.57 23.07 -1.66
N THR A 184 1.84 23.27 -2.01
CA THR A 184 2.75 22.13 -2.07
C THR A 184 3.14 21.66 -0.68
N PHE A 185 3.39 22.60 0.24
CA PHE A 185 3.80 22.21 1.58
C PHE A 185 2.69 21.43 2.29
N MET A 186 1.44 21.88 2.18
CA MET A 186 0.36 21.26 2.94
C MET A 186 -0.05 19.90 2.42
N LYS A 187 0.33 19.53 1.20
CA LYS A 187 -0.04 18.24 0.64
C LYS A 187 0.98 17.15 0.89
N LEU A 188 2.09 17.45 1.56
CA LEU A 188 3.11 16.47 1.88
C LEU A 188 3.00 15.93 3.31
N TYR A 189 1.96 16.32 4.05
CA TYR A 189 1.84 15.90 5.43
C TYR A 189 1.51 14.41 5.54
N PRO A 190 1.81 13.79 6.69
CA PRO A 190 1.48 12.38 6.88
C PRO A 190 0.03 12.10 7.22
N SER A 191 -0.80 13.13 7.33
CA SER A 191 -2.23 12.95 7.58
C SER A 191 -3.06 13.06 6.30
N MET A 192 -2.87 14.12 5.54
CA MET A 192 -3.59 14.34 4.29
C MET A 192 -2.84 13.75 3.09
N LYS A 193 -2.52 12.46 3.18
CA LYS A 193 -1.81 11.78 2.10
C LYS A 193 -2.74 11.13 1.09
N ALA A 194 -4.01 10.96 1.42
CA ALA A 194 -4.99 10.38 0.51
C ALA A 194 -5.86 11.43 -0.18
N TYR A 195 -5.52 12.72 -0.04
CA TYR A 195 -6.31 13.80 -0.61
C TYR A 195 -5.45 14.72 -1.47
N GLU A 196 -4.46 14.16 -2.18
CA GLU A 196 -3.66 14.99 -3.07
C GLU A 196 -4.37 15.33 -4.37
N TYR A 197 -5.39 14.55 -4.73
CA TYR A 197 -6.21 14.87 -5.90
C TYR A 197 -7.03 16.13 -5.69
N GLY A 198 -7.30 16.50 -4.44
CA GLY A 198 -8.06 17.69 -4.15
C GLY A 198 -7.19 18.92 -3.99
N PHE A 199 -5.92 18.71 -3.64
CA PHE A 199 -4.96 19.82 -3.57
C PHE A 199 -4.47 20.21 -4.96
N ARG A 200 -4.29 19.22 -5.84
CA ARG A 200 -3.84 19.52 -7.19
C ARG A 200 -4.88 20.33 -7.96
N VAL A 201 -6.16 20.03 -7.78
CA VAL A 201 -7.20 20.79 -8.46
C VAL A 201 -7.22 22.23 -7.98
N PHE A 202 -6.87 22.46 -6.72
CA PHE A 202 -6.78 23.83 -6.20
C PHE A 202 -5.63 24.56 -6.87
N LEU A 203 -4.50 23.88 -7.04
CA LEU A 203 -3.33 24.54 -7.60
C LEU A 203 -3.52 24.84 -9.07
N LEU A 204 -4.21 23.94 -9.80
CA LEU A 204 -4.46 24.20 -11.21
C LEU A 204 -5.50 25.29 -11.41
N THR A 205 -6.51 25.35 -10.54
CA THR A 205 -7.59 26.31 -10.74
C THR A 205 -7.15 27.73 -10.41
N TYR A 206 -6.35 27.91 -9.36
CA TYR A 206 -5.91 29.27 -9.05
C TYR A 206 -5.10 29.85 -10.20
N CYS A 207 -4.15 29.07 -10.73
CA CYS A 207 -3.32 29.54 -11.82
C CYS A 207 -4.13 29.78 -13.08
N TYR A 208 -5.07 28.88 -13.40
CA TYR A 208 -5.83 29.06 -14.63
C TYR A 208 -6.67 30.33 -14.57
N ILE A 209 -7.33 30.59 -13.43
CA ILE A 209 -8.18 31.76 -13.35
C ILE A 209 -7.35 33.03 -13.34
N LEU A 210 -6.20 33.03 -12.65
CA LEU A 210 -5.42 34.26 -12.58
C LEU A 210 -4.74 34.58 -13.91
N ILE A 211 -4.33 33.59 -14.69
CA ILE A 211 -3.60 33.88 -15.93
C ILE A 211 -4.53 34.13 -17.12
N SER A 212 -5.67 33.44 -17.20
CA SER A 212 -6.55 33.60 -18.34
C SER A 212 -7.41 34.85 -18.27
N GLY A 213 -7.44 35.52 -17.13
CA GLY A 213 -8.29 36.70 -16.98
C GLY A 213 -7.50 37.99 -16.83
N PHE A 214 -6.43 38.14 -17.60
CA PHE A 214 -5.61 39.34 -17.56
C PHE A 214 -5.88 40.27 -18.74
N ARG A 215 -5.80 39.74 -19.97
CA ARG A 215 -6.07 40.57 -21.14
C ARG A 215 -7.56 40.89 -21.26
N THR A 216 -8.42 39.90 -21.06
CA THR A 216 -9.86 40.13 -21.15
C THR A 216 -10.34 40.99 -19.98
N GLY A 217 -9.97 40.62 -18.76
CA GLY A 217 -10.32 41.39 -17.58
C GLY A 217 -11.74 41.20 -17.07
N GLN A 218 -12.51 40.28 -17.65
CA GLN A 218 -13.89 40.04 -17.22
C GLN A 218 -14.16 38.54 -17.13
N PHE A 219 -13.25 37.80 -16.49
CA PHE A 219 -13.46 36.37 -16.34
C PHE A 219 -14.54 36.02 -15.32
N ILE A 220 -15.21 37.02 -14.72
CA ILE A 220 -16.25 36.74 -13.75
C ILE A 220 -17.40 35.97 -14.40
N GLU A 221 -17.88 36.45 -15.54
CA GLU A 221 -19.01 35.84 -16.22
C GLU A 221 -18.58 34.74 -17.18
N VAL A 222 -17.28 34.60 -17.43
CA VAL A 222 -16.79 33.52 -18.28
C VAL A 222 -16.47 32.28 -17.46
N ALA A 223 -16.17 32.43 -16.17
CA ALA A 223 -15.89 31.28 -15.32
C ALA A 223 -17.14 30.47 -14.94
N ILE A 224 -18.34 31.02 -15.13
CA ILE A 224 -19.55 30.26 -14.81
C ILE A 224 -20.03 29.41 -15.99
N SER A 225 -19.73 29.84 -17.22
CA SER A 225 -20.08 29.03 -18.38
C SER A 225 -19.21 27.79 -18.47
N ARG A 226 -18.01 27.84 -17.90
CA ARG A 226 -17.15 26.68 -17.86
C ARG A 226 -17.47 25.76 -16.68
N PHE A 227 -18.28 26.22 -15.73
CA PHE A 227 -18.77 25.35 -14.67
C PHE A 227 -20.12 24.72 -15.00
N LEU A 228 -20.90 25.34 -15.89
CA LEU A 228 -22.15 24.72 -16.31
C LEU A 228 -21.90 23.41 -17.06
N LEU A 229 -20.90 23.40 -17.94
CA LEU A 229 -20.57 22.18 -18.68
C LEU A 229 -20.02 21.11 -17.74
N ILE A 230 -19.21 21.52 -16.77
CA ILE A 230 -18.69 20.57 -15.78
C ILE A 230 -19.86 19.92 -15.02
N ALA A 231 -20.85 20.73 -14.66
CA ALA A 231 -22.01 20.18 -13.95
C ALA A 231 -22.78 19.20 -14.83
N LEU A 232 -22.92 19.52 -16.12
CA LEU A 232 -23.63 18.59 -17.00
C LEU A 232 -22.88 17.27 -17.13
N GLY A 233 -21.55 17.33 -17.23
CA GLY A 233 -20.77 16.10 -17.32
C GLY A 233 -20.84 15.26 -16.07
N ALA A 234 -20.84 15.91 -14.90
CA ALA A 234 -20.88 15.14 -13.67
C ALA A 234 -22.27 14.56 -13.43
N GLY A 235 -23.31 15.27 -13.87
CA GLY A 235 -24.65 14.73 -13.75
C GLY A 235 -24.84 13.50 -14.62
N VAL A 236 -24.36 13.55 -15.86
CA VAL A 236 -24.47 12.38 -16.72
C VAL A 236 -23.67 11.22 -16.12
N SER A 237 -22.46 11.50 -15.64
CA SER A 237 -21.64 10.43 -15.09
C SER A 237 -22.33 9.75 -13.91
N LEU A 238 -22.94 10.54 -13.03
CA LEU A 238 -23.56 9.94 -11.85
C LEU A 238 -24.83 9.18 -12.21
N GLY A 239 -25.61 9.69 -13.16
CA GLY A 239 -26.82 8.97 -13.54
C GLY A 239 -26.51 7.63 -14.16
N VAL A 240 -25.56 7.61 -15.11
CA VAL A 240 -25.21 6.34 -15.75
C VAL A 240 -24.55 5.40 -14.76
N ASN A 241 -23.76 5.93 -13.82
CA ASN A 241 -23.11 5.07 -12.85
C ASN A 241 -24.11 4.44 -11.90
N MET A 242 -25.18 5.17 -11.55
CA MET A 242 -26.02 4.74 -10.45
C MET A 242 -27.21 3.90 -10.90
N PHE A 243 -27.82 4.20 -12.05
CA PHE A 243 -29.06 3.51 -12.41
C PHE A 243 -28.85 2.32 -13.33
N ILE A 244 -27.60 1.94 -13.61
CA ILE A 244 -27.30 0.79 -14.48
C ILE A 244 -26.27 -0.07 -13.76
N TYR A 245 -26.73 -1.10 -13.04
CA TYR A 245 -25.87 -2.08 -12.40
C TYR A 245 -24.81 -1.45 -11.48
N PRO A 246 -25.23 -0.77 -10.43
CA PRO A 246 -24.26 -0.16 -9.50
C PRO A 246 -23.46 -1.20 -8.74
N ILE A 247 -22.29 -0.79 -8.30
CA ILE A 247 -21.44 -1.58 -7.41
C ILE A 247 -21.33 -0.85 -6.09
N TRP A 248 -21.67 -1.53 -4.99
CA TRP A 248 -21.72 -0.93 -3.68
C TRP A 248 -20.52 -1.37 -2.85
N ALA A 249 -19.90 -0.41 -2.15
CA ALA A 249 -18.73 -0.72 -1.32
C ALA A 249 -19.10 -1.50 -0.07
N GLY A 250 -20.34 -1.36 0.42
CA GLY A 250 -20.76 -2.15 1.56
C GLY A 250 -20.78 -3.63 1.27
N GLU A 251 -21.25 -4.01 0.08
CA GLU A 251 -21.25 -5.42 -0.29
C GLU A 251 -19.83 -5.92 -0.51
N ASP A 252 -18.92 -5.05 -0.95
CA ASP A 252 -17.52 -5.43 -1.06
C ASP A 252 -16.94 -5.74 0.32
N LEU A 253 -17.24 -4.91 1.32
CA LEU A 253 -16.76 -5.17 2.67
C LEU A 253 -17.34 -6.47 3.22
N HIS A 254 -18.64 -6.69 2.99
CA HIS A 254 -19.28 -7.91 3.48
C HIS A 254 -18.64 -9.15 2.85
N ASN A 255 -18.39 -9.11 1.54
CA ASN A 255 -17.81 -10.26 0.87
C ASN A 255 -16.38 -10.50 1.33
N LEU A 256 -15.62 -9.43 1.58
CA LEU A 256 -14.24 -9.60 2.01
C LEU A 256 -14.18 -10.23 3.38
N VAL A 257 -15.07 -9.81 4.27
CA VAL A 257 -15.10 -10.40 5.61
C VAL A 257 -15.48 -11.87 5.53
N VAL A 258 -16.41 -12.22 4.63
CA VAL A 258 -16.78 -13.62 4.49
C VAL A 258 -15.63 -14.45 3.93
N LYS A 259 -14.83 -13.87 3.03
CA LYS A 259 -13.75 -14.62 2.39
C LYS A 259 -12.53 -14.84 3.31
N ASN A 260 -12.30 -13.94 4.26
CA ASN A 260 -11.12 -14.11 5.11
C ASN A 260 -11.23 -15.32 6.03
N PHE A 261 -12.45 -15.66 6.47
CA PHE A 261 -12.65 -16.83 7.31
C PHE A 261 -12.25 -18.11 6.57
N MET A 262 -12.62 -18.21 5.29
CA MET A 262 -12.28 -19.40 4.53
C MET A 262 -10.79 -19.45 4.25
N ASN A 263 -10.17 -18.29 4.01
CA ASN A 263 -8.74 -18.31 3.75
C ASN A 263 -7.97 -18.83 4.97
N VAL A 264 -8.36 -18.36 6.16
CA VAL A 264 -7.67 -18.81 7.37
C VAL A 264 -7.94 -20.28 7.65
N ALA A 265 -9.18 -20.74 7.39
CA ALA A 265 -9.51 -22.13 7.65
C ALA A 265 -8.75 -23.06 6.71
N THR A 266 -8.45 -22.60 5.50
CA THR A 266 -7.66 -23.43 4.59
C THR A 266 -6.20 -23.46 5.00
N SER A 267 -5.67 -22.30 5.42
CA SER A 267 -4.26 -22.24 5.79
C SER A 267 -3.97 -23.11 7.01
N LEU A 268 -4.87 -23.13 7.99
CA LEU A 268 -4.58 -23.90 9.20
C LEU A 268 -4.42 -25.39 8.89
N GLU A 269 -5.30 -25.93 8.05
CA GLU A 269 -5.20 -27.34 7.69
C GLU A 269 -4.00 -27.60 6.81
N GLY A 270 -3.64 -26.64 5.93
CA GLY A 270 -2.46 -26.84 5.12
C GLY A 270 -1.21 -26.88 5.96
N CYS A 271 -1.12 -26.03 6.99
CA CYS A 271 0.05 -26.03 7.86
C CYS A 271 0.15 -27.33 8.65
N VAL A 272 -0.97 -27.81 9.19
CA VAL A 272 -0.87 -29.04 9.99
C VAL A 272 -0.53 -30.23 9.10
N ASN A 273 -1.11 -30.30 7.89
CA ASN A 273 -0.82 -31.41 7.00
C ASN A 273 0.61 -31.35 6.50
N GLY A 274 1.12 -30.16 6.19
CA GLY A 274 2.49 -30.05 5.76
C GLY A 274 3.47 -30.45 6.85
N TYR A 275 3.20 -30.05 8.10
CA TYR A 275 4.10 -30.44 9.18
C TYR A 275 4.09 -31.94 9.40
N LEU A 276 2.90 -32.57 9.39
CA LEU A 276 2.86 -33.99 9.67
C LEU A 276 3.17 -34.86 8.45
N ARG A 277 3.31 -34.25 7.28
CA ARG A 277 3.61 -35.02 6.08
C ARG A 277 4.94 -35.76 6.23
N CYS A 278 4.96 -37.01 5.80
CA CYS A 278 6.17 -37.82 5.88
C CYS A 278 7.18 -37.42 4.81
N VAL A 298 -1.54 -22.12 1.80
CA VAL A 298 -0.78 -22.09 3.04
C VAL A 298 -0.06 -20.75 3.18
N TYR A 299 -0.12 -19.94 2.13
CA TYR A 299 0.48 -18.61 2.13
C TYR A 299 -0.54 -17.51 1.97
N LYS A 300 -1.38 -17.57 0.92
CA LYS A 300 -2.33 -16.49 0.70
C LYS A 300 -3.40 -16.42 1.77
N GLY A 301 -3.62 -17.49 2.53
CA GLY A 301 -4.66 -17.45 3.54
C GLY A 301 -4.41 -16.36 4.56
N TYR A 302 -3.34 -16.54 5.34
CA TYR A 302 -3.04 -15.52 6.33
C TYR A 302 -2.38 -14.31 5.70
N ARG A 303 -1.76 -14.45 4.53
CA ARG A 303 -1.18 -13.28 3.90
C ARG A 303 -2.27 -12.27 3.57
N SER A 304 -3.38 -12.74 3.00
CA SER A 304 -4.51 -11.86 2.70
C SER A 304 -5.24 -11.44 3.97
N ALA A 305 -5.34 -12.34 4.95
CA ALA A 305 -6.06 -11.98 6.17
C ALA A 305 -5.29 -11.00 7.05
N VAL A 306 -4.00 -10.82 6.82
CA VAL A 306 -3.19 -9.91 7.64
C VAL A 306 -2.81 -8.62 6.92
N GLU A 307 -2.99 -8.54 5.60
CA GLU A 307 -2.58 -7.38 4.83
C GLU A 307 -3.75 -6.59 4.24
N SER A 308 -4.96 -6.79 4.76
CA SER A 308 -6.14 -6.14 4.19
C SER A 308 -6.76 -5.09 5.11
N THR A 309 -6.07 -4.67 6.17
CA THR A 309 -6.65 -3.68 7.07
C THR A 309 -6.89 -2.35 6.35
N SER A 310 -5.94 -1.94 5.51
CA SER A 310 -6.11 -0.70 4.76
C SER A 310 -7.29 -0.80 3.80
N GLN A 311 -7.42 -1.95 3.13
CA GLN A 311 -8.51 -2.10 2.17
C GLN A 311 -9.86 -2.03 2.87
N GLU A 312 -9.98 -2.68 4.03
CA GLU A 312 -11.23 -2.65 4.76
C GLU A 312 -11.52 -1.26 5.29
N GLU A 313 -10.48 -0.49 5.63
CA GLU A 313 -10.73 0.86 6.13
C GLU A 313 -11.18 1.78 5.00
N SER A 314 -10.58 1.66 3.82
CA SER A 314 -11.01 2.47 2.69
C SER A 314 -12.44 2.11 2.28
N LEU A 315 -12.73 0.81 2.19
CA LEU A 315 -14.08 0.39 1.84
C LEU A 315 -15.10 0.88 2.87
N MET A 316 -14.71 0.92 4.15
CA MET A 316 -15.63 1.43 5.16
C MET A 316 -15.85 2.93 4.99
N SER A 317 -14.80 3.66 4.62
CA SER A 317 -14.95 5.10 4.41
C SER A 317 -15.87 5.40 3.24
N PHE A 318 -15.75 4.63 2.15
CA PHE A 318 -16.64 4.84 1.02
C PHE A 318 -18.09 4.47 1.34
N ALA A 319 -18.31 3.46 2.18
CA ALA A 319 -19.64 2.92 2.44
C ALA A 319 -20.53 3.83 3.25
N ILE A 320 -19.98 4.86 3.92
CA ILE A 320 -20.80 5.71 4.77
C ILE A 320 -21.54 6.79 4.01
N TRP A 321 -21.27 6.95 2.71
CA TRP A 321 -21.97 7.92 1.87
C TRP A 321 -23.18 7.34 1.15
N GLU A 322 -23.20 6.03 0.93
CA GLU A 322 -24.22 5.43 0.08
C GLU A 322 -25.58 5.41 0.79
N PRO A 323 -26.67 5.57 0.05
CA PRO A 323 -28.01 5.53 0.65
C PRO A 323 -28.43 4.11 0.97
N PRO A 324 -29.49 3.93 1.76
CA PRO A 324 -29.94 2.58 2.09
C PRO A 324 -30.43 1.83 0.87
N HIS A 325 -30.28 0.51 0.89
CA HIS A 325 -30.65 -0.33 -0.24
C HIS A 325 -30.59 -1.78 0.18
N GLY A 326 -31.40 -2.61 -0.49
CA GLY A 326 -31.35 -4.04 -0.31
C GLY A 326 -31.55 -4.49 1.11
N PRO A 327 -30.71 -5.43 1.57
CA PRO A 327 -30.83 -5.92 2.95
C PRO A 327 -30.30 -4.95 4.00
N TYR A 328 -29.47 -3.99 3.62
CA TYR A 328 -28.89 -3.04 4.56
C TYR A 328 -29.85 -1.86 4.72
N LYS A 329 -31.01 -2.17 5.29
CA LYS A 329 -32.09 -1.18 5.46
C LYS A 329 -31.96 -0.55 6.84
N SER A 330 -31.25 0.57 6.89
CA SER A 330 -31.12 1.34 8.13
C SER A 330 -30.40 2.64 7.81
N PHE A 331 -30.76 3.69 8.54
CA PHE A 331 -30.20 5.00 8.25
C PHE A 331 -28.68 5.03 8.45
N ASN A 332 -28.19 4.42 9.53
CA ASN A 332 -26.77 4.38 9.85
C ASN A 332 -26.38 2.94 10.19
N TYR A 333 -26.04 2.17 9.17
CA TYR A 333 -25.64 0.79 9.38
C TYR A 333 -24.32 0.74 10.14
N PRO A 334 -24.16 -0.18 11.09
CA PRO A 334 -22.91 -0.33 11.85
C PRO A 334 -21.80 -1.06 11.08
N TRP A 335 -21.11 -0.30 10.22
CA TRP A 335 -20.02 -0.85 9.43
C TRP A 335 -18.75 -1.11 10.24
N LYS A 336 -18.62 -0.51 11.43
CA LYS A 336 -17.42 -0.69 12.24
C LYS A 336 -17.35 -2.03 12.95
N ASN A 337 -18.47 -2.72 13.13
CA ASN A 337 -18.41 -4.04 13.75
C ASN A 337 -17.86 -5.09 12.80
N TYR A 338 -17.90 -4.82 11.50
CA TYR A 338 -17.24 -5.70 10.54
C TYR A 338 -15.73 -5.57 10.65
N VAL A 339 -15.25 -4.34 10.84
CA VAL A 339 -13.82 -4.12 11.03
C VAL A 339 -13.37 -4.71 12.37
N LYS A 340 -14.23 -4.64 13.39
CA LYS A 340 -13.88 -5.24 14.68
C LYS A 340 -13.74 -6.76 14.56
N LEU A 341 -14.66 -7.40 13.83
CA LEU A 341 -14.56 -8.84 13.66
C LEU A 341 -13.35 -9.22 12.81
N SER A 342 -12.96 -8.38 11.85
CA SER A 342 -11.78 -8.70 11.06
C SER A 342 -10.51 -8.50 11.87
N GLY A 343 -10.51 -7.56 12.83
CA GLY A 343 -9.36 -7.40 13.69
C GLY A 343 -9.17 -8.58 14.61
N ALA A 344 -10.28 -9.12 15.13
CA ALA A 344 -10.15 -10.32 15.96
C ALA A 344 -9.65 -11.50 15.13
N LEU A 345 -10.13 -11.61 13.90
CA LEU A 345 -9.67 -12.71 13.05
C LEU A 345 -8.18 -12.60 12.75
N LYS A 346 -7.67 -11.38 12.52
CA LYS A 346 -6.25 -11.22 12.26
C LYS A 346 -5.41 -11.53 13.49
N HIS A 347 -5.91 -11.14 14.67
CA HIS A 347 -5.22 -11.55 15.89
C HIS A 347 -5.13 -13.06 15.99
N CYS A 348 -6.15 -13.77 15.49
CA CYS A 348 -6.09 -15.22 15.51
C CYS A 348 -5.16 -15.78 14.43
N ALA A 349 -5.01 -15.09 13.30
CA ALA A 349 -4.19 -15.58 12.20
C ALA A 349 -2.69 -15.33 12.39
N PHE A 350 -2.31 -14.52 13.37
CA PHE A 350 -0.86 -14.35 13.59
C PHE A 350 -0.22 -15.62 14.15
N THR A 351 -0.98 -16.43 14.87
CA THR A 351 -0.44 -17.70 15.34
C THR A 351 -0.32 -18.71 14.22
N VAL A 352 -1.20 -18.63 13.22
CA VAL A 352 -1.07 -19.51 12.07
C VAL A 352 0.17 -19.11 11.27
N MET A 353 0.47 -17.81 11.21
CA MET A 353 1.72 -17.41 10.56
C MET A 353 2.94 -17.95 11.31
N ALA A 354 2.89 -17.96 12.64
CA ALA A 354 4.00 -18.55 13.39
C ALA A 354 4.11 -20.06 13.14
N LEU A 355 2.96 -20.75 13.04
CA LEU A 355 3.00 -22.18 12.74
C LEU A 355 3.61 -22.43 11.37
N HIS A 356 3.26 -21.61 10.38
CA HIS A 356 3.85 -21.78 9.05
C HIS A 356 5.35 -21.55 9.08
N GLY A 357 5.78 -20.53 9.84
CA GLY A 357 7.21 -20.29 9.93
C GLY A 357 7.97 -21.38 10.67
N CYS A 358 7.27 -22.18 11.47
CA CYS A 358 7.92 -23.33 12.10
C CYS A 358 8.35 -24.39 11.09
N ILE A 359 7.82 -24.37 9.87
CA ILE A 359 8.18 -25.38 8.88
C ILE A 359 9.42 -25.00 8.06
N LEU A 360 9.72 -23.71 7.95
CA LEU A 360 10.88 -23.25 7.18
C LEU A 360 12.14 -23.08 8.02
N SER A 361 12.08 -23.44 9.30
CA SER A 361 13.22 -23.22 10.20
C SER A 361 14.37 -24.16 9.86
N GLU A 362 15.58 -23.74 10.25
CA GLU A 362 16.77 -24.54 9.99
C GLU A 362 16.83 -25.76 10.90
N ILE A 363 16.30 -25.65 12.13
CA ILE A 363 16.32 -26.72 13.10
C ILE A 363 15.00 -27.46 13.06
N GLN A 364 15.04 -28.78 12.89
CA GLN A 364 13.84 -29.60 12.81
C GLN A 364 14.04 -30.90 13.58
N ALA A 365 12.96 -31.41 14.14
CA ALA A 365 13.00 -32.65 14.90
C ALA A 365 12.94 -33.86 13.99
N PRO A 366 13.38 -35.02 14.47
CA PRO A 366 13.34 -36.24 13.64
C PRO A 366 11.91 -36.63 13.29
N GLU A 367 11.74 -37.24 12.11
CA GLU A 367 10.41 -37.61 11.65
C GLU A 367 9.79 -38.71 12.49
N GLU A 368 10.60 -39.60 13.05
CA GLU A 368 10.05 -40.70 13.85
C GLU A 368 9.35 -40.20 15.11
N ARG A 369 9.84 -39.10 15.70
CA ARG A 369 9.25 -38.59 16.92
C ARG A 369 7.94 -37.86 16.68
N ARG A 370 7.78 -37.25 15.50
CA ARG A 370 6.53 -36.53 15.21
C ARG A 370 5.34 -37.46 15.12
N GLN A 371 5.54 -38.70 14.68
CA GLN A 371 4.44 -39.63 14.43
C GLN A 371 3.73 -40.08 15.68
N VAL A 372 4.26 -39.80 16.87
CA VAL A 372 3.60 -40.22 18.10
C VAL A 372 2.33 -39.39 18.34
N PHE A 373 2.39 -38.09 18.04
CA PHE A 373 1.27 -37.18 18.27
C PHE A 373 0.47 -36.87 17.01
N ARG A 374 0.35 -37.82 16.09
CA ARG A 374 -0.31 -37.55 14.82
C ARG A 374 -1.81 -37.32 14.99
N GLN A 375 -2.50 -38.22 15.70
CA GLN A 375 -3.94 -38.11 15.85
C GLN A 375 -4.34 -36.85 16.61
N GLU A 376 -3.63 -36.58 17.71
CA GLU A 376 -3.97 -35.44 18.54
C GLU A 376 -3.73 -34.14 17.79
N LEU A 377 -2.68 -34.10 16.97
CA LEU A 377 -2.40 -32.91 16.18
C LEU A 377 -3.41 -32.71 15.07
N GLN A 378 -3.91 -33.79 14.48
CA GLN A 378 -4.85 -33.66 13.37
C GLN A 378 -6.27 -33.30 13.84
N ARG A 379 -6.68 -33.79 15.01
CA ARG A 379 -8.03 -33.51 15.48
C ARG A 379 -8.23 -32.02 15.73
N VAL A 380 -7.21 -31.35 16.26
CA VAL A 380 -7.32 -29.92 16.54
C VAL A 380 -7.49 -29.12 15.25
N GLY A 381 -6.74 -29.49 14.20
CA GLY A 381 -6.89 -28.78 12.95
C GLY A 381 -8.26 -29.00 12.33
N VAL A 382 -8.78 -30.21 12.46
CA VAL A 382 -10.09 -30.49 11.88
C VAL A 382 -11.17 -29.67 12.59
N GLU A 383 -11.13 -29.66 13.92
CA GLU A 383 -12.17 -28.95 14.65
C GLU A 383 -12.06 -27.44 14.47
N GLY A 384 -10.83 -26.91 14.40
CA GLY A 384 -10.67 -25.48 14.21
C GLY A 384 -11.15 -25.03 12.85
N ALA A 385 -10.92 -25.86 11.81
CA ALA A 385 -11.38 -25.45 10.49
C ALA A 385 -12.89 -25.58 10.39
N LYS A 386 -13.48 -26.56 11.06
CA LYS A 386 -14.94 -26.65 11.07
C LYS A 386 -15.54 -25.42 11.75
N LEU A 387 -14.96 -24.99 12.86
CA LEU A 387 -15.51 -23.83 13.56
C LEU A 387 -15.41 -22.57 12.72
N LEU A 388 -14.26 -22.36 12.08
CA LEU A 388 -14.11 -21.13 11.28
C LEU A 388 -15.05 -21.13 10.08
N ARG A 389 -15.27 -22.30 9.48
CA ARG A 389 -16.20 -22.33 8.35
C ARG A 389 -17.65 -22.14 8.80
N GLU A 390 -18.00 -22.62 9.99
CA GLU A 390 -19.35 -22.38 10.50
C GLU A 390 -19.58 -20.89 10.77
N LEU A 391 -18.56 -20.21 11.32
CA LEU A 391 -18.72 -18.78 11.55
C LEU A 391 -18.82 -18.02 10.25
N GLY A 392 -18.05 -18.41 9.24
CA GLY A 392 -18.13 -17.72 7.96
C GLY A 392 -19.48 -17.92 7.29
N GLU A 393 -20.03 -19.13 7.39
CA GLU A 393 -21.35 -19.38 6.80
C GLU A 393 -22.43 -18.59 7.52
N LYS A 394 -22.35 -18.47 8.85
CA LYS A 394 -23.35 -17.68 9.55
C LYS A 394 -23.23 -16.21 9.21
N VAL A 395 -22.01 -15.70 9.05
CA VAL A 395 -21.85 -14.30 8.65
C VAL A 395 -22.45 -14.07 7.27
N LYS A 396 -22.21 -14.98 6.33
CA LYS A 396 -22.68 -14.77 4.96
C LYS A 396 -24.21 -14.73 4.88
N LYS A 397 -24.89 -15.63 5.60
CA LYS A 397 -26.35 -15.70 5.55
C LYS A 397 -27.04 -14.72 6.48
N MET A 398 -26.31 -13.97 7.29
CA MET A 398 -26.89 -13.01 8.23
C MET A 398 -27.86 -13.72 9.19
N GLU A 399 -27.31 -14.66 9.95
CA GLU A 399 -28.06 -15.49 10.86
C GLU A 399 -27.44 -15.46 12.25
N LYS A 400 -28.26 -15.67 13.27
CA LYS A 400 -27.81 -15.61 14.65
C LYS A 400 -27.30 -16.97 15.10
N LEU A 401 -26.41 -16.96 16.09
CA LEU A 401 -25.85 -18.19 16.63
C LEU A 401 -26.93 -19.01 17.33
N GLY A 402 -26.81 -20.33 17.22
CA GLY A 402 -27.73 -21.22 17.87
C GLY A 402 -27.48 -21.30 19.37
N PRO A 403 -28.35 -22.04 20.07
CA PRO A 403 -28.20 -22.15 21.53
C PRO A 403 -27.09 -23.08 21.99
N VAL A 404 -26.55 -23.93 21.11
CA VAL A 404 -25.56 -24.92 21.52
C VAL A 404 -24.17 -24.30 21.55
N ASP A 405 -23.33 -24.79 22.44
CA ASP A 405 -21.95 -24.31 22.54
C ASP A 405 -21.14 -24.76 21.33
N LEU A 406 -20.43 -23.81 20.73
CA LEU A 406 -19.66 -24.09 19.53
C LEU A 406 -18.21 -24.49 19.80
N LEU A 407 -17.67 -24.14 20.97
CA LEU A 407 -16.27 -24.40 21.29
C LEU A 407 -16.05 -25.68 22.08
N PHE A 408 -17.08 -26.48 22.29
CA PHE A 408 -16.95 -27.67 23.14
C PHE A 408 -15.97 -28.68 22.55
N GLU A 409 -16.06 -28.93 21.24
CA GLU A 409 -15.26 -29.99 20.63
C GLU A 409 -13.79 -29.60 20.57
N VAL A 410 -13.49 -28.37 20.15
CA VAL A 410 -12.11 -27.95 20.05
C VAL A 410 -11.46 -27.90 21.43
N HIS A 411 -12.22 -27.49 22.44
CA HIS A 411 -11.69 -27.48 23.80
C HIS A 411 -11.36 -28.89 24.26
N LEU A 412 -12.24 -29.85 23.97
CA LEU A 412 -11.97 -31.23 24.36
C LEU A 412 -10.74 -31.77 23.63
N ALA A 413 -10.60 -31.45 22.35
CA ALA A 413 -9.44 -31.92 21.59
C ALA A 413 -8.15 -31.34 22.15
N ALA A 414 -8.18 -30.06 22.55
CA ALA A 414 -7.00 -29.45 23.15
C ALA A 414 -6.63 -30.14 24.45
N GLU A 415 -7.62 -30.47 25.27
CA GLU A 415 -7.33 -31.17 26.52
C GLU A 415 -6.73 -32.54 26.25
N GLU A 416 -7.25 -33.24 25.24
CA GLU A 416 -6.70 -34.55 24.90
C GLU A 416 -5.25 -34.44 24.45
N LEU A 417 -4.93 -33.42 23.65
CA LEU A 417 -3.55 -33.22 23.23
C LEU A 417 -2.66 -32.92 24.43
N GLN A 418 -3.15 -32.12 25.38
CA GLN A 418 -2.35 -31.81 26.56
C GLN A 418 -2.04 -33.07 27.36
N HIS A 419 -3.05 -33.93 27.55
CA HIS A 419 -2.79 -35.16 28.29
C HIS A 419 -1.81 -36.05 27.56
N LYS A 420 -1.92 -36.13 26.22
CA LYS A 420 -0.96 -36.93 25.46
C LYS A 420 0.45 -36.38 25.62
N ILE A 421 0.60 -35.05 25.61
CA ILE A 421 1.92 -34.46 25.77
C ILE A 421 2.48 -34.80 27.14
N ASP A 422 1.64 -34.72 28.18
CA ASP A 422 2.11 -35.01 29.52
C ASP A 422 2.57 -36.46 29.65
N LYS A 423 1.84 -37.40 29.03
CA LYS A 423 2.20 -38.81 29.17
C LYS A 423 3.58 -39.10 28.59
N LYS A 424 3.90 -38.54 27.42
CA LYS A 424 5.14 -38.82 26.71
C LYS A 424 6.11 -37.64 26.74
N SER A 425 6.15 -36.92 27.86
CA SER A 425 7.00 -35.73 27.94
C SER A 425 8.49 -36.06 27.89
N TYR A 426 8.89 -37.30 28.19
CA TYR A 426 10.31 -37.62 28.23
C TYR A 426 10.95 -37.65 26.85
N LEU A 427 10.17 -37.57 25.78
CA LEU A 427 10.74 -37.48 24.44
C LEU A 427 11.28 -36.10 24.11
N LEU A 428 10.83 -35.06 24.82
CA LEU A 428 11.20 -33.69 24.51
C LEU A 428 12.45 -33.23 25.25
N VAL A 429 12.96 -34.01 26.19
CA VAL A 429 14.16 -33.64 26.95
C VAL A 429 14.96 -34.89 27.24
N ASN A 430 16.13 -34.72 27.86
CA ASN A 430 16.97 -35.81 28.29
C ASN A 430 17.26 -35.68 29.78
N SER A 431 16.97 -36.73 30.53
CA SER A 431 17.16 -36.72 31.98
C SER A 431 18.55 -37.15 32.40
N GLU A 432 19.41 -37.52 31.45
CA GLU A 432 20.76 -37.97 31.81
C GLU A 432 21.55 -36.83 32.44
N CYS A 433 21.42 -35.62 31.92
CA CYS A 433 22.17 -34.46 32.40
C CYS A 433 21.45 -33.68 33.48
N TRP A 434 20.29 -34.15 33.94
CA TRP A 434 19.51 -33.40 34.90
C TRP A 434 20.30 -33.16 36.18
N GLU A 435 20.21 -31.94 36.69
CA GLU A 435 20.90 -31.56 37.92
C GLU A 435 19.97 -30.75 38.83
N THR A 528 24.77 -29.99 20.40
CA THR A 528 23.67 -29.14 20.87
C THR A 528 22.56 -29.08 19.84
N TYR A 529 22.90 -29.42 18.60
CA TYR A 529 21.89 -29.43 17.54
C TYR A 529 20.81 -30.46 17.83
N GLU A 530 21.21 -31.64 18.33
CA GLU A 530 20.23 -32.67 18.65
C GLU A 530 19.29 -32.20 19.75
N SER A 531 19.83 -31.56 20.79
CA SER A 531 19.00 -31.07 21.89
C SER A 531 18.02 -30.00 21.40
N ALA A 532 18.51 -29.07 20.57
CA ALA A 532 17.62 -28.03 20.07
C ALA A 532 16.54 -28.63 19.18
N SER A 533 16.88 -29.66 18.41
CA SER A 533 15.89 -30.32 17.58
C SER A 533 14.82 -30.97 18.44
N ALA A 534 15.24 -31.66 19.49
CA ALA A 534 14.28 -32.35 20.35
C ALA A 534 13.36 -31.35 21.02
N LEU A 535 13.91 -30.24 21.53
CA LEU A 535 13.07 -29.22 22.15
C LEU A 535 12.23 -28.44 21.15
N SER A 536 12.55 -28.53 19.86
CA SER A 536 11.79 -27.80 18.85
C SER A 536 10.45 -28.45 18.51
N LEU A 537 10.24 -29.71 18.88
CA LEU A 537 8.96 -30.35 18.60
C LEU A 537 7.83 -29.86 19.51
N ALA A 538 8.15 -29.33 20.70
CA ALA A 538 7.12 -28.83 21.59
C ALA A 538 6.63 -27.42 21.25
N THR A 539 7.36 -26.69 20.40
CA THR A 539 6.92 -25.35 20.02
C THR A 539 5.66 -25.42 19.16
N PHE A 540 5.58 -26.42 18.27
CA PHE A 540 4.41 -26.57 17.43
C PHE A 540 3.16 -26.81 18.26
N ALA A 541 3.26 -27.68 19.27
CA ALA A 541 2.10 -27.97 20.11
C ALA A 541 1.74 -26.79 21.00
N SER A 542 2.74 -26.07 21.52
CA SER A 542 2.45 -24.91 22.34
C SER A 542 1.75 -23.83 21.52
N LEU A 543 2.18 -23.64 20.28
CA LEU A 543 1.53 -22.65 19.43
C LEU A 543 0.13 -23.09 19.05
N LEU A 544 -0.09 -24.40 18.85
CA LEU A 544 -1.44 -24.87 18.53
C LEU A 544 -2.38 -24.64 19.70
N ILE A 545 -1.92 -24.88 20.93
CA ILE A 545 -2.77 -24.65 22.09
C ILE A 545 -3.06 -23.16 22.24
N GLU A 546 -2.08 -22.31 21.93
CA GLU A 546 -2.36 -20.87 22.01
C GLU A 546 -3.34 -20.43 20.92
N PHE A 547 -3.31 -21.08 19.76
CA PHE A 547 -4.27 -20.76 18.72
C PHE A 547 -5.67 -21.12 19.17
N VAL A 548 -5.82 -22.27 19.83
CA VAL A 548 -7.15 -22.65 20.33
C VAL A 548 -7.58 -21.68 21.42
N ALA A 549 -6.64 -21.24 22.25
CA ALA A 549 -6.98 -20.32 23.34
C ALA A 549 -7.45 -18.96 22.83
N ARG A 550 -7.02 -18.55 21.64
CA ARG A 550 -7.38 -17.25 21.10
C ARG A 550 -8.72 -17.22 20.36
N LEU A 551 -9.43 -18.34 20.27
CA LEU A 551 -10.67 -18.41 19.50
C LEU A 551 -11.92 -17.85 20.19
N GLN A 552 -11.88 -17.55 21.50
CA GLN A 552 -13.08 -17.07 22.17
C GLN A 552 -13.40 -15.60 21.86
N ASN A 553 -12.44 -14.84 21.38
CA ASN A 553 -12.70 -13.42 21.14
C ASN A 553 -13.29 -13.20 19.76
N VAL A 554 -13.09 -14.13 18.83
CA VAL A 554 -13.80 -14.04 17.56
C VAL A 554 -15.28 -14.33 17.76
N VAL A 555 -15.61 -15.26 18.65
CA VAL A 555 -17.00 -15.54 18.96
C VAL A 555 -17.63 -14.36 19.70
N ASP A 556 -16.86 -13.71 20.59
CA ASP A 556 -17.40 -12.54 21.27
C ASP A 556 -17.68 -11.41 20.27
N ALA A 557 -16.75 -11.16 19.35
CA ALA A 557 -16.96 -10.10 18.37
C ALA A 557 -18.12 -10.44 17.44
N PHE A 558 -18.28 -11.71 17.08
CA PHE A 558 -19.39 -12.08 16.23
C PHE A 558 -20.71 -11.87 16.95
N LYS A 559 -20.78 -12.17 18.25
CA LYS A 559 -22.02 -11.94 18.97
C LYS A 559 -22.33 -10.45 19.03
N GLU A 560 -21.30 -9.62 19.18
CA GLU A 560 -21.54 -8.18 19.17
C GLU A 560 -22.09 -7.72 17.83
N LEU A 561 -21.50 -8.20 16.73
CA LEU A 561 -21.99 -7.80 15.41
C LEU A 561 -23.40 -8.32 15.16
N SER A 562 -23.68 -9.55 15.59
CA SER A 562 -25.01 -10.13 15.42
C SER A 562 -26.04 -9.43 16.27
N GLN A 563 -25.62 -8.62 17.25
CA GLN A 563 -26.57 -7.89 18.06
C GLN A 563 -26.77 -6.45 17.60
N LYS A 564 -25.69 -5.74 17.27
CA LYS A 564 -25.83 -4.36 16.79
C LYS A 564 -26.67 -4.30 15.52
N ALA A 565 -26.36 -5.16 14.55
CA ALA A 565 -27.17 -5.30 13.34
C ALA A 565 -28.18 -6.42 13.55
N ASN A 566 -29.45 -6.15 13.25
CA ASN A 566 -30.50 -7.10 13.57
C ASN A 566 -30.42 -8.32 12.67
N PHE A 567 -29.71 -9.35 13.12
CA PHE A 567 -29.61 -10.60 12.37
C PHE A 567 -30.85 -11.44 12.60
N LYS A 568 -31.23 -12.21 11.57
CA LYS A 568 -32.43 -13.02 11.65
C LYS A 568 -32.27 -14.14 12.67
N GLU A 569 -33.37 -14.51 13.31
CA GLU A 569 -33.35 -15.59 14.26
C GLU A 569 -33.07 -16.91 13.55
N PRO A 570 -32.34 -17.84 14.18
CA PRO A 570 -32.06 -19.11 13.53
C PRO A 570 -33.33 -19.89 13.25
N GLU A 571 -33.32 -20.63 12.15
CA GLU A 571 -34.47 -21.43 11.75
C GLU A 571 -34.85 -22.42 12.84
N ALA B 77 3.08 20.65 10.58
CA ALA B 77 3.03 22.08 10.87
C ALA B 77 4.40 22.73 10.70
N TRP B 78 4.69 23.71 11.55
CA TRP B 78 6.01 24.33 11.55
C TRP B 78 7.09 23.33 11.95
N GLU B 79 6.78 22.45 12.92
CA GLU B 79 7.74 21.45 13.33
C GLU B 79 8.13 20.52 12.18
N MET B 80 7.22 20.29 11.24
CA MET B 80 7.54 19.41 10.11
C MET B 80 8.65 20.00 9.27
N GLY B 81 8.79 21.33 9.26
CA GLY B 81 9.88 21.93 8.52
C GLY B 81 11.23 21.60 9.13
N VAL B 82 11.34 21.68 10.46
CA VAL B 82 12.59 21.39 11.13
C VAL B 82 12.90 19.90 11.05
N SER B 83 11.88 19.05 11.19
CA SER B 83 12.11 17.62 11.17
C SER B 83 12.69 17.17 9.82
N ASP B 84 12.11 17.67 8.73
CA ASP B 84 12.59 17.38 7.37
C ASP B 84 12.71 18.69 6.61
N PRO B 85 13.84 19.38 6.74
CA PRO B 85 13.99 20.69 6.08
C PRO B 85 13.93 20.64 4.55
N ARG B 86 14.08 19.46 3.94
CA ARG B 86 14.08 19.36 2.48
C ARG B 86 12.70 19.49 1.86
N LYS B 87 11.63 19.42 2.64
CA LYS B 87 10.31 19.64 2.09
C LYS B 87 10.02 21.13 1.87
N ILE B 88 10.81 21.99 2.53
CA ILE B 88 10.68 23.42 2.29
C ILE B 88 11.50 23.82 1.08
N VAL B 89 12.61 23.12 0.83
CA VAL B 89 13.33 23.33 -0.41
C VAL B 89 12.50 22.85 -1.59
N PHE B 90 11.78 21.74 -1.42
CA PHE B 90 10.92 21.26 -2.50
C PHE B 90 9.80 22.25 -2.80
N SER B 91 9.15 22.80 -1.76
CA SER B 91 8.06 23.74 -2.01
C SER B 91 8.58 25.03 -2.63
N ALA B 92 9.81 25.44 -2.28
CA ALA B 92 10.33 26.67 -2.83
C ALA B 92 10.78 26.48 -4.27
N LYS B 93 11.27 25.29 -4.62
CA LYS B 93 11.61 25.02 -6.01
C LYS B 93 10.36 25.02 -6.88
N ILE B 94 9.26 24.48 -6.36
CA ILE B 94 8.02 24.49 -7.14
C ILE B 94 7.56 25.92 -7.39
N GLY B 95 7.63 26.76 -6.35
CA GLY B 95 7.25 28.16 -6.54
C GLY B 95 8.17 28.90 -7.49
N LEU B 96 9.47 28.60 -7.45
CA LEU B 96 10.41 29.24 -8.37
C LEU B 96 10.08 28.90 -9.82
N ALA B 97 9.74 27.64 -10.11
CA ALA B 97 9.45 27.31 -11.50
C ALA B 97 8.14 27.96 -11.95
N LEU B 98 7.16 28.04 -11.04
CA LEU B 98 5.92 28.69 -11.41
C LEU B 98 6.14 30.17 -11.72
N THR B 99 6.94 30.87 -10.91
CA THR B 99 7.13 32.29 -11.16
C THR B 99 8.03 32.56 -12.37
N ILE B 100 8.94 31.64 -12.72
CA ILE B 100 9.69 31.85 -13.95
C ILE B 100 8.77 31.74 -15.15
N VAL B 101 7.84 30.79 -15.13
CA VAL B 101 6.92 30.68 -16.25
C VAL B 101 5.99 31.89 -16.29
N ALA B 102 5.46 32.30 -15.13
CA ALA B 102 4.56 33.46 -15.11
C ALA B 102 5.28 34.73 -15.55
N LEU B 103 6.59 34.82 -15.33
CA LEU B 103 7.32 36.01 -15.77
C LEU B 103 7.56 35.98 -17.27
N LEU B 104 7.69 34.80 -17.87
CA LEU B 104 7.78 34.78 -19.32
C LEU B 104 6.42 35.10 -19.96
N ILE B 105 5.34 34.52 -19.41
CA ILE B 105 4.01 34.74 -19.98
C ILE B 105 3.60 36.20 -19.85
N PHE B 106 3.80 36.81 -18.69
CA PHE B 106 3.27 38.14 -18.45
C PHE B 106 3.98 39.21 -19.28
N TYR B 107 5.09 38.88 -19.92
CA TYR B 107 5.86 39.85 -20.69
C TYR B 107 6.08 39.46 -22.14
N GLN B 108 5.61 38.28 -22.57
CA GLN B 108 5.81 37.92 -23.97
C GLN B 108 5.04 38.88 -24.87
N GLU B 109 5.67 39.27 -25.98
CA GLU B 109 5.05 40.20 -26.89
C GLU B 109 3.87 39.56 -27.61
N PRO B 110 2.94 40.36 -28.12
CA PRO B 110 1.77 39.80 -28.78
C PRO B 110 2.15 38.91 -29.95
N ASN B 111 1.42 37.81 -30.10
CA ASN B 111 1.63 36.85 -31.18
C ASN B 111 0.28 36.38 -31.68
N PRO B 112 0.24 35.80 -32.88
CA PRO B 112 -1.05 35.33 -33.41
C PRO B 112 -1.49 33.97 -32.86
N ASP B 113 -0.60 33.22 -32.24
CA ASP B 113 -0.91 31.91 -31.69
C ASP B 113 -0.75 31.83 -30.19
N LEU B 114 0.30 32.43 -29.63
CA LEU B 114 0.60 32.30 -28.22
C LEU B 114 -0.07 33.36 -27.36
N SER B 115 -0.69 34.36 -27.95
CA SER B 115 -1.32 35.43 -27.18
C SER B 115 -2.48 34.94 -26.34
N ARG B 116 -3.08 33.81 -26.71
CA ARG B 116 -4.25 33.27 -26.01
C ARG B 116 -4.09 31.84 -25.50
N TYR B 117 -3.18 31.04 -26.05
CA TYR B 117 -3.01 29.67 -25.61
C TYR B 117 -1.79 29.48 -24.72
N SER B 118 -1.19 30.56 -24.24
CA SER B 118 -0.01 30.46 -23.38
C SER B 118 -0.41 30.23 -21.94
N VAL B 119 -1.21 29.19 -21.69
CA VAL B 119 -1.57 28.80 -20.34
C VAL B 119 -1.31 27.30 -20.22
N TRP B 120 -1.01 26.66 -21.35
CA TRP B 120 -0.64 25.25 -21.38
C TRP B 120 0.76 24.99 -20.85
N ALA B 121 1.58 26.03 -20.72
CA ALA B 121 2.94 25.87 -20.22
C ALA B 121 3.02 25.90 -18.71
N ILE B 122 2.24 26.76 -18.06
CA ILE B 122 2.27 26.83 -16.60
C ILE B 122 1.50 25.68 -15.96
N LEU B 123 0.57 25.07 -16.69
CA LEU B 123 -0.14 23.91 -16.16
C LEU B 123 0.71 22.64 -16.17
N THR B 124 1.72 22.57 -17.04
CA THR B 124 2.56 21.37 -17.11
C THR B 124 3.52 21.28 -15.94
N VAL B 125 3.91 22.43 -15.37
CA VAL B 125 4.81 22.43 -14.22
C VAL B 125 4.14 21.72 -13.05
N VAL B 126 2.83 21.93 -12.88
CA VAL B 126 2.11 21.32 -11.76
C VAL B 126 1.85 19.85 -11.98
N VAL B 127 2.09 19.34 -13.18
CA VAL B 127 1.78 17.95 -13.51
C VAL B 127 3.03 17.09 -13.59
N VAL B 128 4.18 17.64 -14.02
CA VAL B 128 5.35 16.82 -14.30
C VAL B 128 6.45 17.02 -13.25
N PHE B 129 6.15 17.65 -12.12
CA PHE B 129 7.10 17.89 -11.05
C PHE B 129 6.96 16.78 -10.00
N GLU B 130 8.05 16.07 -9.73
CA GLU B 130 8.05 14.93 -8.81
C GLU B 130 9.16 15.09 -7.78
N PHE B 131 9.05 14.31 -6.70
CA PHE B 131 9.97 14.46 -5.57
C PHE B 131 11.40 14.10 -5.97
N THR B 132 11.57 13.00 -6.68
CA THR B 132 12.89 12.52 -7.11
C THR B 132 13.09 12.84 -8.59
N ILE B 133 14.32 12.64 -9.05
CA ILE B 133 14.65 12.90 -10.45
C ILE B 133 14.38 11.70 -11.36
N GLY B 134 14.53 10.48 -10.84
CA GLY B 134 14.21 9.32 -11.66
C GLY B 134 12.73 9.09 -11.81
N ALA B 135 11.92 9.57 -10.87
CA ALA B 135 10.48 9.51 -11.05
C ALA B 135 10.06 10.52 -12.10
N THR B 136 10.74 11.66 -12.16
CA THR B 136 10.41 12.66 -13.17
C THR B 136 10.74 12.14 -14.55
N LEU B 137 11.90 11.47 -14.70
CA LEU B 137 12.25 10.96 -16.02
C LEU B 137 11.33 9.83 -16.45
N SER B 138 10.97 8.94 -15.52
CA SER B 138 10.15 7.78 -15.90
C SER B 138 8.72 8.21 -16.21
N LYS B 139 8.15 9.08 -15.39
CA LYS B 139 6.76 9.44 -15.63
C LYS B 139 6.61 10.45 -16.77
N GLY B 140 7.69 11.16 -17.14
CA GLY B 140 7.56 11.98 -18.31
C GLY B 140 7.79 11.21 -19.59
N PHE B 141 8.46 10.07 -19.50
CA PHE B 141 8.51 9.20 -20.67
C PHE B 141 7.18 8.50 -20.88
N ASN B 142 6.52 8.08 -19.79
CA ASN B 142 5.21 7.45 -19.96
C ASN B 142 4.17 8.44 -20.47
N ARG B 143 4.21 9.69 -19.97
CA ARG B 143 3.23 10.66 -20.43
C ARG B 143 3.46 11.05 -21.89
N ALA B 144 4.72 11.15 -22.32
CA ALA B 144 4.94 11.51 -23.72
C ALA B 144 4.59 10.35 -24.64
N LEU B 145 4.76 9.11 -24.18
CA LEU B 145 4.36 7.98 -25.01
C LEU B 145 2.85 7.97 -25.21
N GLY B 146 2.09 8.20 -24.12
CA GLY B 146 0.65 8.18 -24.25
C GLY B 146 0.14 9.32 -25.12
N THR B 147 0.71 10.51 -24.95
CA THR B 147 0.24 11.65 -25.74
C THR B 147 0.49 11.44 -27.22
N LEU B 148 1.69 10.94 -27.58
CA LEU B 148 2.00 10.87 -29.00
C LEU B 148 1.24 9.72 -29.67
N SER B 149 1.07 8.59 -28.97
CA SER B 149 0.29 7.51 -29.57
C SER B 149 -1.16 7.93 -29.77
N ALA B 150 -1.75 8.62 -28.78
CA ALA B 150 -3.14 9.06 -28.92
C ALA B 150 -3.29 10.06 -30.06
N GLY B 151 -2.35 11.00 -30.19
CA GLY B 151 -2.47 11.97 -31.26
C GLY B 151 -2.34 11.36 -32.64
N GLY B 152 -1.42 10.40 -32.80
CA GLY B 152 -1.27 9.77 -34.10
C GLY B 152 -2.50 8.95 -34.47
N LEU B 153 -3.07 8.24 -33.49
CA LEU B 153 -4.26 7.45 -33.78
C LEU B 153 -5.44 8.36 -34.11
N ALA B 154 -5.59 9.47 -33.38
CA ALA B 154 -6.71 10.36 -33.64
C ALA B 154 -6.62 10.98 -35.02
N LEU B 155 -5.44 11.43 -35.43
CA LEU B 155 -5.31 12.03 -36.76
C LEU B 155 -5.57 11.01 -37.86
N GLY B 156 -5.03 9.79 -37.70
CA GLY B 156 -5.29 8.77 -38.71
C GLY B 156 -6.76 8.40 -38.77
N MET B 157 -7.43 8.36 -37.62
CA MET B 157 -8.83 8.00 -37.60
C MET B 157 -9.68 9.07 -38.26
N ALA B 158 -9.35 10.35 -38.03
CA ALA B 158 -10.11 11.41 -38.65
C ALA B 158 -9.97 11.36 -40.17
N GLU B 159 -8.73 11.18 -40.65
CA GLU B 159 -8.52 11.12 -42.09
C GLU B 159 -9.26 9.93 -42.70
N LEU B 160 -9.23 8.77 -42.03
CA LEU B 160 -9.97 7.62 -42.54
C LEU B 160 -11.47 7.87 -42.50
N SER B 161 -11.94 8.58 -41.47
CA SER B 161 -13.37 8.87 -41.34
C SER B 161 -13.88 9.72 -42.49
N THR B 162 -13.09 10.71 -42.91
CA THR B 162 -13.56 11.57 -43.99
C THR B 162 -13.92 10.78 -45.24
N LEU B 163 -13.30 9.62 -45.43
CA LEU B 163 -13.58 8.80 -46.61
C LEU B 163 -15.04 8.38 -46.67
N PHE B 164 -15.65 8.08 -45.53
CA PHE B 164 -17.04 7.65 -45.54
C PHE B 164 -17.98 8.71 -46.10
N GLY B 165 -17.77 9.97 -45.71
CA GLY B 165 -18.67 11.03 -46.15
C GLY B 165 -19.87 11.14 -45.25
N ASP B 166 -21.01 10.61 -45.68
CA ASP B 166 -22.19 10.58 -44.83
C ASP B 166 -22.00 9.57 -43.70
N TRP B 167 -22.75 9.78 -42.61
CA TRP B 167 -22.64 8.99 -41.40
C TRP B 167 -21.29 9.16 -40.71
N GLU B 168 -20.55 10.20 -41.09
CA GLU B 168 -19.25 10.43 -40.47
C GLU B 168 -19.37 10.62 -38.97
N GLU B 169 -20.48 11.16 -38.50
CA GLU B 169 -20.65 11.31 -37.06
C GLU B 169 -21.01 9.99 -36.39
N ILE B 170 -21.69 9.11 -37.11
CA ILE B 170 -21.89 7.77 -36.60
C ILE B 170 -20.55 7.09 -36.42
N PHE B 171 -19.66 7.25 -37.41
CA PHE B 171 -18.34 6.64 -37.33
C PHE B 171 -17.55 7.21 -36.15
N CYS B 172 -17.60 8.53 -35.95
CA CYS B 172 -16.84 9.13 -34.86
C CYS B 172 -17.37 8.69 -33.50
N THR B 173 -18.70 8.56 -33.36
CA THR B 173 -19.24 8.12 -32.09
C THR B 173 -18.90 6.66 -31.82
N LEU B 174 -18.89 5.84 -32.86
CA LEU B 174 -18.48 4.44 -32.68
C LEU B 174 -17.02 4.36 -32.28
N SER B 175 -16.18 5.19 -32.88
CA SER B 175 -14.75 5.16 -32.55
C SER B 175 -14.54 5.56 -31.10
N ILE B 176 -15.27 6.57 -30.63
CA ILE B 176 -15.10 7.01 -29.25
C ILE B 176 -15.56 5.91 -28.29
N PHE B 177 -16.62 5.18 -28.66
CA PHE B 177 -17.08 4.12 -27.77
C PHE B 177 -16.06 2.98 -27.70
N CYS B 178 -15.49 2.61 -28.84
CA CYS B 178 -14.58 1.47 -28.86
C CYS B 178 -13.27 1.79 -28.16
N ILE B 179 -12.75 3.01 -28.37
CA ILE B 179 -11.50 3.37 -27.72
C ILE B 179 -11.70 3.53 -26.22
N GLY B 180 -12.83 4.11 -25.80
CA GLY B 180 -13.06 4.23 -24.36
C GLY B 180 -13.21 2.88 -23.69
N PHE B 181 -13.82 1.92 -24.38
CA PHE B 181 -13.94 0.58 -23.80
C PHE B 181 -12.58 -0.10 -23.69
N LEU B 182 -11.74 0.04 -24.72
CA LEU B 182 -10.44 -0.62 -24.67
C LEU B 182 -9.54 -0.01 -23.60
N ALA B 183 -9.46 1.33 -23.58
CA ALA B 183 -8.61 2.00 -22.60
C ALA B 183 -9.12 1.80 -21.17
N THR B 184 -10.42 1.59 -20.99
CA THR B 184 -10.90 1.29 -19.65
C THR B 184 -10.61 -0.15 -19.25
N PHE B 185 -10.67 -1.08 -20.21
CA PHE B 185 -10.45 -2.48 -19.88
C PHE B 185 -8.98 -2.79 -19.65
N MET B 186 -8.07 -2.07 -20.31
CA MET B 186 -6.66 -2.42 -20.21
C MET B 186 -5.98 -1.85 -18.97
N LYS B 187 -6.62 -0.96 -18.23
CA LYS B 187 -6.02 -0.38 -17.03
C LYS B 187 -6.47 -1.07 -15.76
N LEU B 188 -7.12 -2.23 -15.87
CA LEU B 188 -7.66 -2.96 -14.75
C LEU B 188 -6.89 -4.25 -14.47
N TYR B 189 -6.02 -4.66 -15.37
CA TYR B 189 -5.17 -5.82 -15.14
C TYR B 189 -4.37 -5.60 -13.86
N PRO B 190 -4.11 -6.66 -13.08
CA PRO B 190 -3.40 -6.45 -11.81
C PRO B 190 -1.91 -6.25 -12.01
N SER B 191 -1.42 -6.44 -13.23
CA SER B 191 -0.03 -6.20 -13.56
C SER B 191 0.27 -4.76 -13.92
N MET B 192 -0.75 -3.89 -13.95
CA MET B 192 -0.59 -2.49 -14.33
C MET B 192 -1.27 -1.59 -13.31
N LYS B 193 -1.02 -1.83 -12.03
CA LYS B 193 -1.56 -0.97 -10.97
C LYS B 193 -0.83 0.36 -10.87
N ALA B 194 0.45 0.40 -11.26
CA ALA B 194 1.25 1.62 -11.11
C ALA B 194 1.22 2.53 -12.33
N TYR B 195 0.64 2.10 -13.44
CA TYR B 195 0.58 2.92 -14.65
C TYR B 195 -0.85 3.36 -14.98
N GLU B 196 -1.68 3.56 -13.96
CA GLU B 196 -3.03 4.05 -14.20
C GLU B 196 -3.06 5.56 -14.39
N TYR B 197 -1.89 6.16 -14.62
CA TYR B 197 -1.75 7.58 -14.93
C TYR B 197 -1.31 7.79 -16.36
N GLY B 198 -0.75 6.76 -17.00
CA GLY B 198 -0.27 6.86 -18.37
C GLY B 198 -1.33 6.34 -19.31
N PHE B 199 -2.39 5.79 -18.74
CA PHE B 199 -3.54 5.33 -19.49
C PHE B 199 -4.64 6.37 -19.56
N ARG B 200 -4.62 7.34 -18.63
CA ARG B 200 -5.64 8.38 -18.54
C ARG B 200 -5.27 9.61 -19.34
N VAL B 201 -4.01 9.73 -19.78
CA VAL B 201 -3.59 10.84 -20.64
C VAL B 201 -3.77 10.49 -22.11
N PHE B 202 -4.20 9.27 -22.40
CA PHE B 202 -4.43 8.80 -23.76
C PHE B 202 -5.88 8.94 -24.18
N LEU B 203 -6.80 8.84 -23.22
CA LEU B 203 -8.22 8.96 -23.54
C LEU B 203 -8.64 10.42 -23.59
N LEU B 204 -7.99 11.26 -22.78
CA LEU B 204 -8.25 12.68 -22.84
C LEU B 204 -7.70 13.24 -24.14
N THR B 205 -6.52 12.79 -24.55
CA THR B 205 -5.94 13.28 -25.79
C THR B 205 -6.74 12.83 -27.00
N TYR B 206 -7.22 11.58 -26.98
CA TYR B 206 -8.00 11.11 -28.12
C TYR B 206 -9.30 11.91 -28.25
N CYS B 207 -10.00 12.10 -27.13
CA CYS B 207 -11.27 12.83 -27.20
C CYS B 207 -11.05 14.29 -27.55
N TYR B 208 -9.98 14.90 -27.03
CA TYR B 208 -9.70 16.30 -27.34
C TYR B 208 -9.41 16.48 -28.81
N ILE B 209 -8.53 15.65 -29.37
CA ILE B 209 -8.15 15.83 -30.77
C ILE B 209 -9.34 15.56 -31.69
N LEU B 210 -10.19 14.59 -31.33
CA LEU B 210 -11.30 14.28 -32.23
C LEU B 210 -12.44 15.29 -32.12
N ILE B 211 -12.70 15.83 -30.93
CA ILE B 211 -13.86 16.70 -30.77
C ILE B 211 -13.53 18.14 -31.17
N SER B 212 -12.35 18.64 -30.81
CA SER B 212 -11.99 20.02 -31.11
C SER B 212 -11.57 20.23 -32.55
N GLY B 213 -11.32 19.16 -33.32
CA GLY B 213 -10.87 19.31 -34.68
C GLY B 213 -11.93 18.98 -35.71
N PHE B 214 -13.20 19.04 -35.31
CA PHE B 214 -14.31 18.72 -36.20
C PHE B 214 -14.93 19.93 -36.86
N ARG B 215 -14.99 21.06 -36.17
CA ARG B 215 -15.68 22.24 -36.69
C ARG B 215 -14.79 23.11 -37.58
N THR B 216 -13.53 22.74 -37.76
CA THR B 216 -12.61 23.49 -38.62
C THR B 216 -11.95 22.65 -39.70
N GLY B 217 -11.86 21.34 -39.53
CA GLY B 217 -11.23 20.48 -40.52
C GLY B 217 -9.73 20.46 -40.50
N GLN B 218 -9.09 21.19 -39.58
CA GLN B 218 -7.64 21.24 -39.48
C GLN B 218 -7.24 21.29 -38.01
N PHE B 219 -6.59 20.23 -37.53
CA PHE B 219 -6.09 20.18 -36.17
C PHE B 219 -4.69 19.57 -36.12
N ILE B 220 -3.94 19.67 -37.21
CA ILE B 220 -2.60 19.12 -37.28
C ILE B 220 -1.53 20.19 -37.16
N GLU B 221 -1.79 21.37 -37.71
CA GLU B 221 -0.86 22.50 -37.61
C GLU B 221 -1.05 23.30 -36.33
N VAL B 222 -2.07 22.98 -35.53
CA VAL B 222 -2.29 23.65 -34.25
C VAL B 222 -1.78 22.79 -33.11
N ALA B 223 -1.91 21.47 -33.25
CA ALA B 223 -1.33 20.58 -32.23
C ALA B 223 0.18 20.73 -32.15
N ILE B 224 0.83 21.06 -33.26
CA ILE B 224 2.27 21.27 -33.24
C ILE B 224 2.62 22.48 -32.39
N SER B 225 1.80 23.54 -32.46
CA SER B 225 2.04 24.72 -31.64
C SER B 225 1.55 24.52 -30.21
N ARG B 226 0.64 23.57 -29.98
CA ARG B 226 0.20 23.26 -28.62
C ARG B 226 1.13 22.31 -27.90
N PHE B 227 2.05 21.65 -28.61
CA PHE B 227 3.02 20.78 -27.95
C PHE B 227 4.32 21.49 -27.60
N LEU B 228 4.64 22.59 -28.29
CA LEU B 228 5.85 23.35 -27.96
C LEU B 228 5.76 23.97 -26.57
N LEU B 229 4.60 24.49 -26.19
CA LEU B 229 4.44 25.04 -24.84
C LEU B 229 4.57 23.96 -23.78
N ILE B 230 4.13 22.74 -24.10
CA ILE B 230 4.29 21.64 -23.15
C ILE B 230 5.76 21.27 -23.02
N ALA B 231 6.49 21.26 -24.14
CA ALA B 231 7.91 20.93 -24.06
C ALA B 231 8.69 22.03 -23.34
N LEU B 232 8.21 23.27 -23.40
CA LEU B 232 8.88 24.35 -22.67
C LEU B 232 8.63 24.22 -21.17
N GLY B 233 7.40 23.88 -20.78
CA GLY B 233 7.13 23.69 -19.37
C GLY B 233 7.89 22.52 -18.79
N ALA B 234 8.05 21.45 -19.58
CA ALA B 234 8.78 20.29 -19.08
C ALA B 234 10.28 20.53 -19.05
N GLY B 235 10.81 21.34 -19.98
CA GLY B 235 12.22 21.67 -19.92
C GLY B 235 12.55 22.55 -18.73
N VAL B 236 11.67 23.49 -18.41
CA VAL B 236 11.91 24.33 -17.24
C VAL B 236 11.80 23.50 -15.97
N SER B 237 10.81 22.61 -15.91
CA SER B 237 10.64 21.80 -14.71
C SER B 237 11.86 20.92 -14.47
N LEU B 238 12.40 20.32 -15.53
CA LEU B 238 13.53 19.43 -15.34
C LEU B 238 14.81 20.20 -15.03
N GLY B 239 15.01 21.36 -15.65
CA GLY B 239 16.21 22.12 -15.34
C GLY B 239 16.23 22.60 -13.90
N VAL B 240 15.10 23.16 -13.44
CA VAL B 240 15.05 23.64 -12.06
C VAL B 240 15.11 22.49 -11.08
N ASN B 241 14.60 21.31 -11.46
CA ASN B 241 14.61 20.19 -10.52
C ASN B 241 15.99 19.55 -10.42
N MET B 242 16.76 19.57 -11.50
CA MET B 242 18.02 18.83 -11.54
C MET B 242 19.24 19.70 -11.26
N PHE B 243 19.13 21.02 -11.27
CA PHE B 243 20.32 21.84 -11.06
C PHE B 243 20.29 22.67 -9.78
N ILE B 244 19.29 22.51 -8.94
CA ILE B 244 19.20 23.24 -7.67
C ILE B 244 18.87 22.23 -6.57
N TYR B 245 19.89 21.70 -5.91
CA TYR B 245 19.72 20.79 -4.78
C TYR B 245 18.89 19.56 -5.16
N PRO B 246 19.39 18.73 -6.07
CA PRO B 246 18.63 17.55 -6.49
C PRO B 246 18.52 16.51 -5.38
N ILE B 247 17.50 15.66 -5.50
CA ILE B 247 17.27 14.54 -4.60
C ILE B 247 17.35 13.26 -5.41
N TRP B 248 18.12 12.29 -4.92
CA TRP B 248 18.39 11.06 -5.64
C TRP B 248 17.72 9.88 -4.94
N ALA B 249 17.08 9.00 -5.73
CA ALA B 249 16.43 7.82 -5.16
C ALA B 249 17.42 6.76 -4.69
N GLY B 250 18.60 6.67 -5.32
CA GLY B 250 19.60 5.74 -4.84
C GLY B 250 20.07 6.07 -3.43
N GLU B 251 20.08 7.36 -3.07
CA GLU B 251 20.44 7.73 -1.71
C GLU B 251 19.32 7.40 -0.74
N ASP B 252 18.08 7.54 -1.18
CA ASP B 252 16.95 7.15 -0.33
C ASP B 252 16.98 5.65 -0.04
N LEU B 253 17.29 4.85 -1.06
CA LEU B 253 17.39 3.40 -0.85
C LEU B 253 18.55 3.05 0.07
N HIS B 254 19.69 3.72 -0.10
CA HIS B 254 20.84 3.46 0.75
C HIS B 254 20.52 3.78 2.21
N ASN B 255 19.86 4.91 2.45
CA ASN B 255 19.53 5.30 3.82
C ASN B 255 18.47 4.38 4.42
N LEU B 256 17.52 3.92 3.61
CA LEU B 256 16.49 3.03 4.12
C LEU B 256 17.11 1.71 4.56
N VAL B 257 18.03 1.18 3.75
CA VAL B 257 18.68 -0.08 4.10
C VAL B 257 19.49 0.09 5.38
N VAL B 258 20.15 1.24 5.52
CA VAL B 258 20.95 1.45 6.73
C VAL B 258 20.06 1.54 7.97
N LYS B 259 18.86 2.14 7.84
CA LYS B 259 17.99 2.31 8.99
C LYS B 259 17.29 1.03 9.42
N ASN B 260 17.11 0.07 8.50
CA ASN B 260 16.44 -1.18 8.87
C ASN B 260 17.22 -1.96 9.92
N PHE B 261 18.55 -1.97 9.80
CA PHE B 261 19.37 -2.68 10.77
C PHE B 261 19.21 -2.09 12.17
N MET B 262 19.17 -0.76 12.26
CA MET B 262 19.00 -0.11 13.56
C MET B 262 17.66 -0.49 14.17
N ASN B 263 16.61 -0.50 13.34
CA ASN B 263 15.29 -0.78 13.89
C ASN B 263 15.20 -2.21 14.43
N VAL B 264 15.74 -3.18 13.68
CA VAL B 264 15.67 -4.56 14.16
C VAL B 264 16.52 -4.74 15.41
N ALA B 265 17.68 -4.08 15.46
CA ALA B 265 18.54 -4.21 16.63
C ALA B 265 17.86 -3.66 17.87
N THR B 266 17.12 -2.56 17.73
CA THR B 266 16.44 -2.01 18.91
C THR B 266 15.27 -2.90 19.32
N SER B 267 14.58 -3.50 18.34
CA SER B 267 13.42 -4.33 18.67
C SER B 267 13.82 -5.59 19.43
N LEU B 268 14.94 -6.22 19.06
CA LEU B 268 15.32 -7.44 19.77
C LEU B 268 15.60 -7.18 21.25
N GLU B 269 16.30 -6.08 21.54
CA GLU B 269 16.57 -5.72 22.94
C GLU B 269 15.28 -5.39 23.66
N GLY B 270 14.37 -4.69 22.98
CA GLY B 270 13.12 -4.33 23.63
C GLY B 270 12.31 -5.56 24.00
N CYS B 271 12.28 -6.55 23.10
CA CYS B 271 11.50 -7.76 23.37
C CYS B 271 12.10 -8.55 24.53
N VAL B 272 13.42 -8.73 24.54
CA VAL B 272 14.00 -9.53 25.62
C VAL B 272 13.83 -8.83 26.96
N ASN B 273 14.03 -7.50 26.99
CA ASN B 273 13.87 -6.77 28.24
C ASN B 273 12.42 -6.82 28.71
N GLY B 274 11.46 -6.66 27.79
CA GLY B 274 10.06 -6.69 28.19
C GLY B 274 9.67 -8.05 28.74
N TYR B 275 10.19 -9.13 28.14
CA TYR B 275 9.89 -10.45 28.66
C TYR B 275 10.44 -10.63 30.07
N LEU B 276 11.65 -10.12 30.32
CA LEU B 276 12.27 -10.31 31.63
C LEU B 276 11.84 -9.28 32.65
N ARG B 277 11.03 -8.30 32.27
CA ARG B 277 10.57 -7.29 33.22
C ARG B 277 9.80 -7.92 34.36
N CYS B 278 10.12 -7.50 35.58
CA CYS B 278 9.46 -8.02 36.78
C CYS B 278 8.09 -7.39 36.97
N VAL B 298 9.78 -1.52 19.78
CA VAL B 298 9.46 -2.93 19.99
C VAL B 298 8.49 -3.42 18.92
N TYR B 299 7.69 -2.50 18.39
CA TYR B 299 6.72 -2.81 17.34
C TYR B 299 7.10 -2.21 16.01
N LYS B 300 7.42 -0.91 15.99
CA LYS B 300 7.83 -0.27 14.74
C LYS B 300 9.14 -0.81 14.24
N GLY B 301 9.95 -1.43 15.11
CA GLY B 301 11.23 -1.96 14.70
C GLY B 301 11.06 -2.98 13.59
N TYR B 302 10.45 -4.12 13.92
CA TYR B 302 10.24 -5.14 12.90
C TYR B 302 9.14 -4.74 11.94
N ARG B 303 8.19 -3.89 12.37
CA ARG B 303 7.13 -3.47 11.47
C ARG B 303 7.67 -2.74 10.25
N SER B 304 8.64 -1.84 10.45
CA SER B 304 9.20 -1.11 9.32
C SER B 304 9.90 -2.04 8.35
N ALA B 305 10.69 -2.99 8.88
CA ALA B 305 11.43 -3.90 8.01
C ALA B 305 10.49 -4.80 7.22
N VAL B 306 9.42 -5.30 7.85
CA VAL B 306 8.53 -6.25 7.19
C VAL B 306 7.35 -5.57 6.50
N GLU B 307 7.22 -4.25 6.62
CA GLU B 307 6.09 -3.53 6.03
C GLU B 307 6.52 -2.49 5.00
N SER B 308 7.72 -2.62 4.43
CA SER B 308 8.18 -1.65 3.44
C SER B 308 8.86 -2.33 2.26
N THR B 309 8.47 -3.57 1.95
CA THR B 309 9.09 -4.28 0.84
C THR B 309 8.84 -3.57 -0.49
N SER B 310 7.63 -3.04 -0.70
CA SER B 310 7.33 -2.33 -1.92
C SER B 310 8.08 -1.01 -2.03
N GLN B 311 8.42 -0.39 -0.90
CA GLN B 311 9.15 0.87 -0.94
C GLN B 311 10.51 0.70 -1.60
N GLU B 312 11.23 -0.38 -1.24
CA GLU B 312 12.55 -0.62 -1.81
C GLU B 312 12.46 -0.90 -3.30
N GLU B 313 11.40 -1.56 -3.75
CA GLU B 313 11.28 -1.84 -5.18
C GLU B 313 10.86 -0.60 -5.97
N SER B 314 10.08 0.30 -5.36
CA SER B 314 9.77 1.54 -6.04
C SER B 314 11.00 2.41 -6.18
N LEU B 315 11.78 2.53 -5.10
CA LEU B 315 13.00 3.32 -5.18
C LEU B 315 14.00 2.67 -6.13
N MET B 316 13.99 1.35 -6.25
CA MET B 316 14.86 0.69 -7.21
C MET B 316 14.41 0.96 -8.63
N SER B 317 13.10 1.01 -8.87
CA SER B 317 12.60 1.30 -10.21
C SER B 317 12.96 2.72 -10.63
N PHE B 318 12.94 3.66 -9.68
CA PHE B 318 13.36 5.02 -10.02
C PHE B 318 14.88 5.16 -10.15
N ALA B 319 15.65 4.40 -9.37
CA ALA B 319 17.09 4.63 -9.29
C ALA B 319 17.84 4.23 -10.56
N ILE B 320 17.28 3.37 -11.41
CA ILE B 320 18.00 2.95 -12.60
C ILE B 320 17.99 3.99 -13.70
N TRP B 321 17.07 4.95 -13.66
CA TRP B 321 16.99 5.99 -14.67
C TRP B 321 17.97 7.15 -14.43
N GLU B 322 18.54 7.25 -13.23
CA GLU B 322 19.37 8.39 -12.89
C GLU B 322 20.82 8.21 -13.37
N PRO B 323 21.49 9.29 -13.74
CA PRO B 323 22.88 9.19 -14.19
C PRO B 323 23.84 9.02 -13.03
N PRO B 324 25.12 8.75 -13.31
CA PRO B 324 26.10 8.60 -12.23
C PRO B 324 26.35 9.89 -11.48
N HIS B 325 26.79 9.75 -10.24
CA HIS B 325 27.02 10.90 -9.37
C HIS B 325 27.64 10.43 -8.06
N GLY B 326 28.34 11.35 -7.41
CA GLY B 326 28.87 11.11 -6.08
C GLY B 326 29.74 9.87 -5.99
N PRO B 327 29.47 9.03 -4.97
CA PRO B 327 30.23 7.79 -4.84
C PRO B 327 29.74 6.66 -5.71
N TYR B 328 28.49 6.70 -6.17
CA TYR B 328 27.93 5.67 -7.03
C TYR B 328 28.36 5.90 -8.48
N LYS B 329 29.68 5.89 -8.69
CA LYS B 329 30.27 6.18 -10.00
C LYS B 329 30.41 4.87 -10.76
N SER B 330 29.34 4.47 -11.44
CA SER B 330 29.33 3.28 -12.28
C SER B 330 28.07 3.29 -13.11
N PHE B 331 28.20 2.93 -14.38
CA PHE B 331 27.06 3.00 -15.30
C PHE B 331 25.97 2.03 -14.88
N ASN B 332 26.33 0.82 -14.47
CA ASN B 332 25.36 -0.20 -14.05
C ASN B 332 25.64 -0.53 -12.59
N TYR B 333 25.03 0.23 -11.69
CA TYR B 333 25.21 0.00 -10.27
C TYR B 333 24.34 -1.17 -9.82
N PRO B 334 24.88 -2.11 -9.05
CA PRO B 334 24.07 -3.23 -8.56
C PRO B 334 23.06 -2.82 -7.50
N TRP B 335 22.02 -2.10 -7.90
CA TRP B 335 20.97 -1.71 -6.96
C TRP B 335 20.17 -2.88 -6.44
N LYS B 336 20.25 -4.05 -7.09
CA LYS B 336 19.49 -5.22 -6.66
C LYS B 336 20.09 -5.93 -5.45
N ASN B 337 21.38 -5.71 -5.16
CA ASN B 337 21.99 -6.37 -4.01
C ASN B 337 21.58 -5.72 -2.70
N TYR B 338 21.16 -4.45 -2.76
CA TYR B 338 20.59 -3.82 -1.57
C TYR B 338 19.25 -4.46 -1.25
N VAL B 339 18.49 -4.83 -2.28
CA VAL B 339 17.22 -5.49 -2.08
C VAL B 339 17.43 -6.91 -1.56
N LYS B 340 18.47 -7.59 -2.04
CA LYS B 340 18.73 -8.92 -1.52
C LYS B 340 19.13 -8.88 -0.04
N LEU B 341 19.93 -7.89 0.36
CA LEU B 341 20.28 -7.77 1.77
C LEU B 341 19.06 -7.43 2.62
N SER B 342 18.16 -6.60 2.09
CA SER B 342 16.93 -6.30 2.84
C SER B 342 16.05 -7.53 2.96
N GLY B 343 16.03 -8.39 1.94
CA GLY B 343 15.24 -9.61 2.05
C GLY B 343 15.78 -10.55 3.11
N ALA B 344 17.10 -10.68 3.20
CA ALA B 344 17.67 -11.52 4.24
C ALA B 344 17.36 -10.96 5.63
N LEU B 345 17.40 -9.63 5.77
CA LEU B 345 17.07 -9.03 7.05
C LEU B 345 15.60 -9.23 7.41
N LYS B 346 14.72 -9.21 6.41
CA LYS B 346 13.29 -9.44 6.69
C LYS B 346 13.06 -10.88 7.14
N HIS B 347 13.74 -11.83 6.50
CA HIS B 347 13.62 -13.22 6.93
C HIS B 347 14.08 -13.37 8.38
N CYS B 348 15.12 -12.62 8.77
CA CYS B 348 15.56 -12.69 10.15
C CYS B 348 14.61 -11.95 11.11
N ALA B 349 13.85 -10.96 10.63
CA ALA B 349 12.92 -10.22 11.48
C ALA B 349 11.61 -10.96 11.72
N PHE B 350 11.33 -12.01 10.93
CA PHE B 350 10.08 -12.74 11.19
C PHE B 350 10.14 -13.51 12.50
N THR B 351 11.32 -13.86 13.00
CA THR B 351 11.41 -14.49 14.32
C THR B 351 11.22 -13.50 15.45
N VAL B 352 11.68 -12.26 15.27
CA VAL B 352 11.46 -11.24 16.29
C VAL B 352 9.97 -10.91 16.39
N MET B 353 9.25 -11.02 15.27
CA MET B 353 7.80 -10.81 15.34
C MET B 353 7.15 -11.82 16.29
N ALA B 354 7.55 -13.09 16.21
CA ALA B 354 6.97 -14.11 17.08
C ALA B 354 7.46 -13.97 18.51
N LEU B 355 8.69 -13.51 18.70
CA LEU B 355 9.16 -13.26 20.07
C LEU B 355 8.34 -12.17 20.72
N HIS B 356 7.99 -11.13 19.97
CA HIS B 356 7.07 -10.12 20.50
C HIS B 356 5.70 -10.71 20.76
N GLY B 357 5.21 -11.58 19.87
CA GLY B 357 3.91 -12.17 20.07
C GLY B 357 3.82 -13.05 21.30
N CYS B 358 4.94 -13.62 21.73
CA CYS B 358 4.94 -14.44 22.95
C CYS B 358 4.58 -13.64 24.19
N ILE B 359 4.75 -12.32 24.17
CA ILE B 359 4.43 -11.50 25.34
C ILE B 359 2.93 -11.24 25.47
N LEU B 360 2.21 -11.21 24.35
CA LEU B 360 0.79 -10.91 24.33
C LEU B 360 -0.09 -12.15 24.44
N SER B 361 0.50 -13.32 24.68
CA SER B 361 -0.27 -14.55 24.74
C SER B 361 -1.11 -14.61 26.00
N GLU B 362 -2.14 -15.47 25.97
CA GLU B 362 -3.02 -15.65 27.11
C GLU B 362 -2.47 -16.62 28.15
N ILE B 363 -1.42 -17.37 27.82
CA ILE B 363 -0.80 -18.31 28.74
C ILE B 363 0.63 -17.85 28.98
N GLN B 364 0.94 -17.54 30.24
CA GLN B 364 2.25 -17.01 30.61
C GLN B 364 2.84 -17.84 31.74
N ALA B 365 4.14 -18.11 31.64
CA ALA B 365 4.83 -18.90 32.65
C ALA B 365 5.00 -18.10 33.94
N PRO B 366 5.16 -18.78 35.07
CA PRO B 366 5.42 -18.08 36.33
C PRO B 366 6.76 -17.37 36.30
N GLU B 367 6.84 -16.26 37.03
CA GLU B 367 8.07 -15.47 37.05
C GLU B 367 9.21 -16.19 37.76
N GLU B 368 8.89 -17.03 38.75
CA GLU B 368 9.95 -17.71 39.49
C GLU B 368 10.79 -18.58 38.57
N ARG B 369 10.13 -19.30 37.65
CA ARG B 369 10.87 -20.12 36.70
C ARG B 369 11.54 -19.26 35.64
N ARG B 370 10.96 -18.08 35.35
CA ARG B 370 11.56 -17.18 34.37
C ARG B 370 12.92 -16.68 34.85
N GLN B 371 13.03 -16.36 36.14
CA GLN B 371 14.26 -15.74 36.63
C GLN B 371 15.49 -16.64 36.53
N VAL B 372 15.29 -17.97 36.47
CA VAL B 372 16.44 -18.87 36.43
C VAL B 372 17.29 -18.64 35.18
N PHE B 373 16.64 -18.49 34.03
CA PHE B 373 17.33 -18.30 32.75
C PHE B 373 17.33 -16.82 32.38
N ARG B 374 18.16 -16.05 33.07
CA ARG B 374 18.20 -14.61 32.88
C ARG B 374 19.51 -14.09 32.29
N GLN B 375 20.64 -14.49 32.86
CA GLN B 375 21.93 -14.07 32.32
C GLN B 375 22.15 -14.57 30.90
N GLU B 376 21.76 -15.81 30.61
CA GLU B 376 21.96 -16.34 29.28
C GLU B 376 21.10 -15.60 28.25
N LEU B 377 19.86 -15.31 28.62
CA LEU B 377 18.97 -14.62 27.71
C LEU B 377 19.48 -13.22 27.44
N GLN B 378 20.01 -12.54 28.47
CA GLN B 378 20.46 -11.18 28.25
C GLN B 378 21.74 -11.16 27.43
N ARG B 379 22.61 -12.15 27.63
CA ARG B 379 23.84 -12.19 26.86
C ARG B 379 23.54 -12.39 25.38
N VAL B 380 22.60 -13.28 25.05
CA VAL B 380 22.26 -13.43 23.64
C VAL B 380 21.59 -12.18 23.10
N GLY B 381 20.82 -11.49 23.95
CA GLY B 381 20.12 -10.30 23.49
C GLY B 381 21.03 -9.11 23.26
N VAL B 382 22.21 -9.12 23.86
CA VAL B 382 23.16 -8.04 23.63
C VAL B 382 24.13 -8.39 22.50
N GLU B 383 24.55 -9.65 22.41
CA GLU B 383 25.43 -10.04 21.32
C GLU B 383 24.76 -9.87 19.96
N GLY B 384 23.49 -10.26 19.84
CA GLY B 384 22.84 -10.13 18.55
C GLY B 384 22.67 -8.69 18.12
N ALA B 385 22.35 -7.81 19.07
CA ALA B 385 22.16 -6.41 18.73
C ALA B 385 23.48 -5.73 18.38
N LYS B 386 24.57 -6.13 19.04
CA LYS B 386 25.85 -5.54 18.70
C LYS B 386 26.29 -5.96 17.31
N LEU B 387 26.03 -7.21 16.94
CA LEU B 387 26.39 -7.65 15.59
C LEU B 387 25.55 -6.92 14.54
N LEU B 388 24.26 -6.73 14.79
CA LEU B 388 23.43 -6.04 13.81
C LEU B 388 23.83 -4.58 13.66
N ARG B 389 24.23 -3.94 14.76
CA ARG B 389 24.64 -2.54 14.65
C ARG B 389 26.00 -2.40 13.97
N GLU B 390 26.84 -3.43 14.08
CA GLU B 390 28.13 -3.36 13.39
C GLU B 390 27.95 -3.53 11.90
N LEU B 391 27.07 -4.47 11.49
CA LEU B 391 26.81 -4.62 10.05
C LEU B 391 26.17 -3.37 9.47
N GLY B 392 25.23 -2.75 10.21
CA GLY B 392 24.63 -1.53 9.69
C GLY B 392 25.62 -0.39 9.59
N GLU B 393 26.58 -0.31 10.51
CA GLU B 393 27.57 0.75 10.42
C GLU B 393 28.53 0.51 9.26
N LYS B 394 28.86 -0.75 8.98
CA LYS B 394 29.78 -1.00 7.87
C LYS B 394 29.09 -0.82 6.53
N VAL B 395 27.77 -1.04 6.46
CA VAL B 395 27.06 -0.71 5.23
C VAL B 395 26.99 0.80 5.05
N LYS B 396 26.85 1.55 6.14
CA LYS B 396 26.67 3.00 6.02
C LYS B 396 27.89 3.68 5.41
N LYS B 397 29.09 3.27 5.82
CA LYS B 397 30.32 3.90 5.32
C LYS B 397 30.91 3.19 4.10
N MET B 398 30.29 2.10 3.63
CA MET B 398 30.76 1.35 2.47
C MET B 398 32.17 0.82 2.70
N GLU B 399 32.28 -0.07 3.70
CA GLU B 399 33.55 -0.66 4.09
C GLU B 399 33.44 -2.17 4.09
N LYS B 400 34.57 -2.83 3.83
CA LYS B 400 34.58 -4.29 3.75
C LYS B 400 34.69 -4.91 5.14
N LEU B 401 34.40 -6.21 5.21
CA LEU B 401 34.54 -6.95 6.45
C LEU B 401 36.01 -7.22 6.76
N GLY B 402 36.36 -7.18 8.04
CA GLY B 402 37.71 -7.41 8.47
C GLY B 402 38.06 -8.89 8.49
N PRO B 403 39.23 -9.23 9.03
CA PRO B 403 39.64 -10.63 9.10
C PRO B 403 39.05 -11.40 10.27
N VAL B 404 38.41 -10.74 11.22
CA VAL B 404 37.88 -11.42 12.40
C VAL B 404 36.51 -12.02 12.08
N ASP B 405 36.12 -13.01 12.87
CA ASP B 405 34.82 -13.67 12.72
C ASP B 405 33.79 -12.97 13.61
N LEU B 406 32.76 -12.42 13.00
CA LEU B 406 31.76 -11.66 13.73
C LEU B 406 30.79 -12.52 14.54
N LEU B 407 30.60 -13.77 14.17
CA LEU B 407 29.59 -14.63 14.78
C LEU B 407 30.10 -15.48 15.93
N PHE B 408 31.38 -15.34 16.32
CA PHE B 408 31.94 -16.21 17.35
C PHE B 408 31.23 -16.02 18.70
N GLU B 409 30.97 -14.77 19.07
CA GLU B 409 30.43 -14.49 20.40
C GLU B 409 28.97 -14.94 20.53
N VAL B 410 28.15 -14.66 19.51
CA VAL B 410 26.76 -15.08 19.57
C VAL B 410 26.66 -16.60 19.60
N HIS B 411 27.51 -17.27 18.83
CA HIS B 411 27.53 -18.73 18.86
C HIS B 411 27.87 -19.24 20.26
N LEU B 412 28.84 -18.59 20.92
CA LEU B 412 29.20 -19.02 22.27
C LEU B 412 28.04 -18.81 23.23
N ALA B 413 27.36 -17.66 23.13
CA ALA B 413 26.23 -17.39 24.02
C ALA B 413 25.10 -18.38 23.80
N ALA B 414 24.83 -18.72 22.54
CA ALA B 414 23.79 -19.70 22.25
C ALA B 414 24.12 -21.06 22.85
N GLU B 415 25.38 -21.48 22.74
CA GLU B 415 25.76 -22.76 23.32
C GLU B 415 25.61 -22.75 24.84
N GLU B 416 25.97 -21.62 25.47
CA GLU B 416 25.79 -21.52 26.92
C GLU B 416 24.32 -21.61 27.30
N LEU B 417 23.45 -20.95 26.54
CA LEU B 417 22.02 -21.01 26.82
C LEU B 417 21.50 -22.43 26.69
N GLN B 418 21.92 -23.15 25.65
CA GLN B 418 21.46 -24.52 25.47
C GLN B 418 21.92 -25.42 26.60
N HIS B 419 23.17 -25.25 27.05
CA HIS B 419 23.64 -26.06 28.17
C HIS B 419 22.85 -25.76 29.44
N LYS B 420 22.54 -24.48 29.66
CA LYS B 420 21.73 -24.14 30.83
C LYS B 420 20.35 -24.78 30.74
N ILE B 421 19.73 -24.74 29.56
CA ILE B 421 18.41 -25.34 29.42
C ILE B 421 18.50 -26.84 29.69
N ASP B 422 19.59 -27.47 29.26
CA ASP B 422 19.74 -28.91 29.48
C ASP B 422 19.89 -29.23 30.96
N LYS B 423 20.51 -28.34 31.74
CA LYS B 423 20.67 -28.64 33.16
C LYS B 423 19.36 -28.52 33.93
N LYS B 424 18.58 -27.49 33.65
CA LYS B 424 17.34 -27.21 34.40
C LYS B 424 16.09 -27.58 33.59
N SER B 425 16.17 -28.62 32.75
CA SER B 425 15.02 -28.99 31.94
C SER B 425 13.87 -29.55 32.76
N TYR B 426 14.11 -29.99 33.98
CA TYR B 426 13.04 -30.60 34.77
C TYR B 426 11.96 -29.59 35.17
N LEU B 427 12.23 -28.29 35.05
CA LEU B 427 11.24 -27.26 35.37
C LEU B 427 10.25 -27.03 34.24
N LEU B 428 10.53 -27.50 33.03
CA LEU B 428 9.64 -27.30 31.90
C LEU B 428 8.62 -28.42 31.73
N VAL B 429 8.96 -29.63 32.16
CA VAL B 429 8.09 -30.80 32.03
C VAL B 429 7.96 -31.45 33.39
N ASN B 430 6.89 -32.23 33.56
CA ASN B 430 6.61 -32.95 34.79
C ASN B 430 6.79 -34.44 34.54
N SER B 431 7.61 -35.08 35.38
CA SER B 431 7.88 -36.51 35.27
C SER B 431 7.01 -37.35 36.21
N GLU B 432 6.06 -36.73 36.91
CA GLU B 432 5.24 -37.48 37.85
C GLU B 432 4.40 -38.53 37.14
N CYS B 433 3.81 -38.18 36.01
CA CYS B 433 2.91 -39.07 35.28
C CYS B 433 3.53 -39.59 33.99
N TRP B 434 4.84 -39.84 34.02
CA TRP B 434 5.52 -40.36 32.83
C TRP B 434 5.04 -41.78 32.53
N GLU B 435 4.91 -42.10 31.26
CA GLU B 435 4.46 -43.41 30.83
C GLU B 435 5.61 -44.20 30.18
N THR B 528 -3.73 -28.70 33.12
CA THR B 528 -3.54 -28.37 31.72
C THR B 528 -2.98 -26.96 31.55
N TYR B 529 -3.62 -26.00 32.23
CA TYR B 529 -3.14 -24.62 32.16
C TYR B 529 -1.73 -24.51 32.74
N GLU B 530 -1.48 -25.19 33.85
CA GLU B 530 -0.16 -25.16 34.46
C GLU B 530 0.89 -25.74 33.52
N SER B 531 0.56 -26.86 32.87
CA SER B 531 1.50 -27.49 31.95
C SER B 531 1.79 -26.58 30.76
N ALA B 532 0.76 -25.93 30.22
CA ALA B 532 0.98 -25.03 29.09
C ALA B 532 1.84 -23.84 29.52
N SER B 533 1.57 -23.30 30.71
CA SER B 533 2.34 -22.17 31.18
C SER B 533 3.81 -22.55 31.34
N ALA B 534 4.08 -23.73 31.88
CA ALA B 534 5.46 -24.16 32.01
C ALA B 534 6.10 -24.36 30.65
N LEU B 535 5.38 -24.97 29.71
CA LEU B 535 5.90 -25.24 28.38
C LEU B 535 6.15 -23.98 27.55
N SER B 536 5.60 -22.83 27.94
CA SER B 536 5.84 -21.61 27.16
C SER B 536 7.30 -21.14 27.23
N LEU B 537 8.01 -21.48 28.31
CA LEU B 537 9.41 -21.07 28.42
C LEU B 537 10.26 -21.71 27.33
N ALA B 538 10.00 -22.97 27.03
CA ALA B 538 10.77 -23.64 25.99
C ALA B 538 10.50 -23.01 24.63
N THR B 539 9.28 -22.54 24.39
CA THR B 539 9.00 -21.86 23.13
C THR B 539 9.79 -20.58 23.01
N PHE B 540 9.87 -19.81 24.11
CA PHE B 540 10.65 -18.57 24.05
C PHE B 540 12.13 -18.85 23.78
N ALA B 541 12.68 -19.85 24.47
CA ALA B 541 14.09 -20.18 24.28
C ALA B 541 14.36 -20.68 22.86
N SER B 542 13.47 -21.52 22.33
CA SER B 542 13.67 -22.05 20.99
C SER B 542 13.62 -20.94 19.95
N LEU B 543 12.69 -19.99 20.10
CA LEU B 543 12.63 -18.91 19.13
C LEU B 543 13.90 -18.06 19.17
N LEU B 544 14.43 -17.82 20.36
CA LEU B 544 15.69 -17.06 20.43
C LEU B 544 16.82 -17.81 19.75
N ILE B 545 16.88 -19.13 19.95
CA ILE B 545 17.96 -19.91 19.33
C ILE B 545 17.83 -19.92 17.81
N GLU B 546 16.60 -19.96 17.30
CA GLU B 546 16.42 -19.89 15.84
C GLU B 546 16.83 -18.52 15.30
N PHE B 547 16.62 -17.48 16.10
CA PHE B 547 17.07 -16.16 15.67
C PHE B 547 18.58 -16.14 15.53
N VAL B 548 19.28 -16.78 16.46
CA VAL B 548 20.73 -16.78 16.36
C VAL B 548 21.20 -17.69 15.25
N ALA B 549 20.40 -18.69 14.88
CA ALA B 549 20.77 -19.61 13.81
C ALA B 549 20.54 -19.02 12.41
N ARG B 550 19.76 -17.95 12.28
CA ARG B 550 19.48 -17.40 10.95
C ARG B 550 20.41 -16.27 10.49
N LEU B 551 21.45 -15.90 11.26
CA LEU B 551 22.29 -14.76 10.92
C LEU B 551 23.36 -15.01 9.86
N GLN B 552 23.65 -16.27 9.54
CA GLN B 552 24.66 -16.55 8.53
C GLN B 552 24.20 -16.12 7.14
N ASN B 553 22.90 -16.17 6.87
CA ASN B 553 22.39 -15.71 5.58
C ASN B 553 22.60 -14.22 5.41
N VAL B 554 22.39 -13.45 6.48
CA VAL B 554 22.59 -12.00 6.40
C VAL B 554 24.06 -11.68 6.20
N VAL B 555 24.94 -12.44 6.86
CA VAL B 555 26.36 -12.17 6.68
C VAL B 555 26.80 -12.51 5.26
N ASP B 556 26.27 -13.59 4.69
CA ASP B 556 26.64 -13.97 3.33
C ASP B 556 26.12 -12.95 2.31
N ALA B 557 24.93 -12.40 2.56
CA ALA B 557 24.40 -11.38 1.65
C ALA B 557 25.25 -10.12 1.73
N PHE B 558 25.69 -9.73 2.93
CA PHE B 558 26.54 -8.55 3.03
C PHE B 558 27.84 -8.75 2.28
N LYS B 559 28.45 -9.92 2.43
CA LYS B 559 29.72 -10.15 1.73
C LYS B 559 29.53 -10.10 0.22
N GLU B 560 28.43 -10.66 -0.28
CA GLU B 560 28.20 -10.61 -1.72
C GLU B 560 27.99 -9.17 -2.20
N LEU B 561 27.25 -8.37 -1.42
CA LEU B 561 27.05 -6.98 -1.81
C LEU B 561 28.36 -6.22 -1.81
N SER B 562 29.21 -6.44 -0.80
CA SER B 562 30.49 -5.75 -0.76
C SER B 562 31.47 -6.27 -1.79
N GLN B 563 31.16 -7.41 -2.43
CA GLN B 563 31.99 -7.88 -3.52
C GLN B 563 31.54 -7.30 -4.86
N LYS B 564 30.24 -7.31 -5.14
CA LYS B 564 29.74 -6.77 -6.40
C LYS B 564 30.08 -5.29 -6.54
N ALA B 565 29.85 -4.51 -5.50
CA ALA B 565 30.25 -3.11 -5.46
C ALA B 565 31.62 -2.97 -4.81
N ASN B 566 32.44 -2.08 -5.34
CA ASN B 566 33.84 -1.96 -4.92
C ASN B 566 33.92 -1.26 -3.57
N PHE B 567 33.60 -2.01 -2.51
CA PHE B 567 33.75 -1.47 -1.17
C PHE B 567 35.23 -1.42 -0.80
N LYS B 568 35.62 -0.38 -0.08
CA LYS B 568 37.02 -0.20 0.25
C LYS B 568 37.46 -1.12 1.38
N GLU B 569 38.78 -1.28 1.53
CA GLU B 569 39.37 -2.14 2.54
C GLU B 569 39.30 -1.47 3.91
N PRO B 570 39.05 -2.25 4.97
CA PRO B 570 38.99 -1.67 6.31
C PRO B 570 40.32 -1.03 6.69
N GLU B 571 40.23 0.11 7.39
CA GLU B 571 41.39 0.86 7.85
C GLU B 571 42.61 0.72 6.95
O13 3PH C . -8.20 12.81 -11.20
O13 3PH C . -3.76 12.59 -13.80
P 3PH C . -7.63 14.09 -10.61
P 3PH C . -2.67 12.93 -14.80
O14 3PH C . -8.68 14.74 -9.74
O14 3PH C . -1.34 12.90 -14.10
O12 3PH C . -6.43 13.75 -9.78
O12 3PH C . -2.67 11.91 -15.91
O11 3PH C . -7.19 15.12 -11.82
O11 3PH C . -2.95 14.43 -15.42
C1 3PH C . -5.89 15.66 -11.76
C1 3PH C . -3.88 14.56 -16.47
C2 3PH C . -5.72 16.78 -12.80
C2 3PH C . -4.04 16.03 -16.86
O21 3PH C . -6.77 17.72 -12.64
O21 3PH C . -4.21 16.83 -15.71
C21 3PH C . -7.86 17.64 -13.50
C21 3PH C . -5.32 16.53 -14.91
O22 3PH C . -8.65 16.76 -13.37
O22 3PH C . -5.26 15.65 -14.13
C22 3PH C . -8.08 18.67 -14.62
C22 3PH C . -6.61 17.34 -15.05
C23 3PH C . -8.22 20.08 -14.01
C23 3PH C . -7.43 17.20 -13.76
C24 3PH C . -7.89 21.12 -15.09
C24 3PH C . -8.68 18.08 -13.87
C25 3PH C . -7.96 22.55 -14.50
C25 3PH C . -8.41 19.52 -13.41
C26 3PH C . -9.34 23.16 -14.81
C26 3PH C . -8.18 20.48 -14.60
C27 3PH C . -9.49 24.49 -14.05
C27 3PH C . -8.87 21.83 -14.32
C28 3PH C . -10.80 25.19 -14.50
C28 3PH C . -8.02 22.99 -14.90
C29 3PH C . -11.02 26.46 -13.63
C29 3PH C . -8.94 24.19 -15.21
C2A 3PH C . -12.14 26.22 -12.59
C2A 3PH C . -9.77 24.53 -13.95
C2B 3PH C . -13.51 26.21 -13.27
C2B 3PH C . -10.07 26.04 -13.93
C2C 3PH C . -14.25 27.53 -12.95
C2C 3PH C . -11.33 26.35 -13.09
C2D 3PH C . -14.86 27.45 -11.55
C2D 3PH C . -12.61 26.20 -13.94
C2E 3PH C . -14.72 28.78 -10.80
C2E 3PH C . -13.68 27.12 -13.36
C2F 3PH C . -16.12 29.29 -10.44
C2F 3PH C . -14.09 26.64 -11.97
C2G 3PH C . -16.05 30.64 -9.74
C2G 3PH C . -15.28 27.43 -11.46
C2H 3PH C . -16.28 30.47 -8.24
C2H 3PH C . -14.88 28.88 -11.21
C2I 3PH C . -16.74 31.81 -7.66
C2I 3PH C . -15.66 29.45 -10.02
C3 3PH C . -5.67 16.16 -14.20
C3 3PH C . -5.25 16.20 -17.78
O31 3PH C . -5.36 17.17 -15.12
O31 3PH C . -5.57 17.55 -17.88
C31 3PH C . -5.11 16.71 -16.42
C31 3PH C . -6.19 17.92 -19.09
O32 3PH C . -4.15 16.04 -16.64
O32 3PH C . -7.30 18.33 -19.07
C32 3PH C . -6.06 17.07 -17.56
C32 3PH C . -5.44 17.81 -20.40
C33 3PH C . -5.24 17.33 -18.82
C33 3PH C . -6.18 16.84 -21.33
C34 3PH C . -6.09 18.08 -19.85
C34 3PH C . -5.93 17.21 -22.80
C35 3PH C . -6.77 17.08 -20.79
C35 3PH C . -4.43 17.15 -23.08
C36 3PH C . -5.78 16.60 -21.85
C36 3PH C . -4.22 16.60 -24.50
C37 3PH C . -5.80 17.58 -23.04
C37 3PH C . -4.74 17.62 -25.53
C38 3PH C . -4.38 17.76 -23.62
C38 3PH C . -3.84 17.64 -26.78
C39 3PH C . -4.34 17.27 -25.09
C39 3PH C . -2.47 18.29 -26.46
C3A 3PH C . -3.20 18.01 -25.84
C3A 3PH C . -1.33 17.32 -26.80
C3B 3PH C . -2.77 17.20 -27.08
C3B 3PH C . -1.01 17.41 -28.31
C3C 3PH C . -1.28 17.42 -27.33
C3C 3PH C . -0.10 16.24 -28.71
C3D 3PH C . -0.94 17.25 -28.82
C3D 3PH C . 0.13 16.25 -30.23
C3E 3PH C . -0.09 15.99 -29.01
C3E 3PH C . -0.06 14.87 -30.82
C3F 3PH C . 0.49 15.99 -30.42
C3F 3PH C . 0.73 14.78 -32.12
C3G 3PH C . 0.16 14.70 -31.16
C3G 3PH C . 0.38 13.50 -32.86
C3H 3PH C . 0.53 14.86 -32.62
C3H 3PH C . 1.49 13.11 -33.83
C3I 3PH C . 0.79 13.50 -33.25
C3I 3PH C . 0.97 13.08 -35.25
H11 3PH C . -5.17 14.87 -11.96
H11 3PH C . -4.84 14.16 -16.15
H12 3PH C . -5.72 16.06 -10.77
H12 3PH C . -3.53 13.99 -17.34
H2 3PH C . -4.79 17.27 -12.61
H2 3PH C . -3.16 16.36 -17.38
H221 3PH C . -7.24 18.66 -15.29
H221 3PH C . -6.37 18.37 -15.22
H222 3PH C . -8.98 18.42 -15.16
H222 3PH C . -7.20 16.96 -15.89
H231 3PH C . -9.24 20.22 -13.68
H231 3PH C . -7.72 16.17 -13.62
H232 3PH C . -7.54 20.19 -13.17
H232 3PH C . -6.83 17.52 -12.91
H241 3PH C . -8.59 21.04 -15.90
H241 3PH C . -9.47 17.65 -13.24
H242 3PH C . -6.88 20.95 -15.46
H242 3PH C . -9.03 18.08 -14.91
H251 3PH C . -7.82 22.50 -13.42
H251 3PH C . -9.27 19.87 -12.83
H252 3PH C . -7.19 23.17 -14.94
H252 3PH C . -7.53 19.54 -12.77
H261 3PH C . -10.11 22.47 -14.47
H261 3PH C . -8.59 20.05 -15.50
H262 3PH C . -9.44 23.32 -15.87
H262 3PH C . -7.12 20.63 -14.73
H271 3PH C . -8.64 25.14 -14.29
H271 3PH C . -8.98 21.98 -13.26
H272 3PH C . -9.51 24.31 -12.99
H272 3PH C . -9.85 21.85 -14.79
H281 3PH C . -11.63 24.51 -14.37
H281 3PH C . -7.54 22.66 -15.82
H282 3PH C . -10.72 25.48 -15.54
H282 3PH C . -7.27 23.28 -14.18
H291 3PH C . -11.32 27.29 -14.29
H291 3PH C . -9.60 23.94 -16.03
H292 3PH C . -10.10 26.71 -13.13
H292 3PH C . -8.33 25.05 -15.48
H2A1 3PH C . -12.10 27.00 -11.84
H2A1 3PH C . -9.22 24.27 -13.06
H2A2 3PH C . -11.97 25.25 -12.11
H2A2 3PH C . -10.71 23.99 -13.98
H2B1 3PH C . -13.39 26.13 -14.34
H2B1 3PH C . -9.22 26.56 -13.49
H2B2 3PH C . -14.09 25.38 -12.90
H2B2 3PH C . -10.21 26.39 -14.95
H2C1 3PH C . -13.54 28.35 -13.01
H2C1 3PH C . -11.37 25.66 -12.26
H2C2 3PH C . -15.04 27.69 -13.67
H2C2 3PH C . -11.27 27.36 -12.72
H2D1 3PH C . -14.34 26.68 -10.98
H2D1 3PH C . -12.95 25.17 -13.90
H2D2 3PH C . -15.91 27.19 -11.62
H2D2 3PH C . -12.40 26.47 -14.96
H2E1 3PH C . -14.23 29.53 -11.42
H2E1 3PH C . -14.56 27.11 -14.02
H2E2 3PH C . -14.15 28.64 -9.89
H2E2 3PH C . -13.30 28.13 -13.30
H2F1 3PH C . -16.62 28.56 -9.80
H2F1 3PH C . -13.26 26.76 -11.28
H2F2 3PH C . -16.71 29.39 -11.36
H2F2 3PH C . -14.36 25.58 -12.02
H2G1 3PH C . -16.81 31.29 -10.15
H2G1 3PH C . -15.64 26.97 -10.54
H2G2 3PH C . -15.06 31.06 -9.91
H2G2 3PH C . -16.08 27.40 -12.20
H2H1 3PH C . -15.35 30.18 -7.76
H2H1 3PH C . -15.11 29.48 -12.09
H2H2 3PH C . -17.04 29.72 -8.06
H2H2 3PH C . -13.82 28.93 -11.00
H2I1 3PH C . -16.82 31.71 -6.57
H2I1 3PH C . -14.99 29.54 -9.17
H2I2 3PH C . -17.71 32.06 -8.07
H2I2 3PH C . -16.48 28.79 -9.77
H2I3 3PH C . -16.03 32.58 -7.90
H2I3 3PH C . -16.04 30.43 -10.28
H31 3PH C . -4.88 15.42 -14.22
H31 3PH C . -4.99 15.79 -18.75
H32 3PH C . -6.61 15.68 -14.46
H32 3PH C . -6.09 15.64 -17.39
H321 3PH C . -6.61 17.96 -17.29
H321 3PH C . -4.44 17.44 -20.23
H322 3PH C . -6.74 16.25 -17.73
H322 3PH C . -5.39 18.78 -20.88
H331 3PH C . -4.91 16.38 -19.23
H331 3PH C . -7.25 16.89 -21.12
H332 3PH C . -4.37 17.94 -18.56
H332 3PH C . -5.82 15.82 -21.14
H341 3PH C . -6.84 18.67 -19.36
H341 3PH C . -6.46 16.52 -23.44
H342 3PH C . -5.45 18.73 -20.45
H342 3PH C . -6.29 18.21 -22.98
H351 3PH C . -7.63 17.55 -21.27
H351 3PH C . -3.96 16.49 -22.37
H352 3PH C . -7.12 16.22 -20.22
H352 3PH C . -4.00 18.14 -23.00
H361 3PH C . -4.79 16.57 -21.42
H361 3PH C . -3.16 16.42 -24.66
H362 3PH C . -6.06 15.61 -22.19
H362 3PH C . -4.76 15.67 -24.61
H371 3PH C . -6.46 17.18 -23.82
H371 3PH C . -5.74 17.34 -25.82
H372 3PH C . -6.18 18.53 -22.72
H372 3PH C . -4.75 18.60 -25.08
H381 3PH C . -4.13 18.83 -23.59
H381 3PH C . -3.69 16.61 -27.13
H382 3PH C . -3.66 17.21 -23.03
H382 3PH C . -4.33 18.21 -27.56
H391 3PH C . -4.15 16.20 -25.09
H391 3PH C . -2.36 19.20 -27.03
H392 3PH C . -5.28 17.48 -25.59
H392 3PH C . -2.43 18.52 -25.40
H3A1 3PH C . -3.55 18.98 -26.14
H3A1 3PH C . -0.43 17.60 -26.24
H3A2 3PH C . -2.35 18.11 -25.17
H3A2 3PH C . -1.61 16.30 -26.54
H3B1 3PH C . -3.35 17.55 -27.93
H3B1 3PH C . -0.51 18.34 -28.52
H3B2 3PH C . -2.96 16.14 -26.92
H3B2 3PH C . -1.94 17.36 -28.87
H3C1 3PH C . -0.71 16.71 -26.74
H3C1 3PH C . -0.58 15.30 -28.43
H3C2 3PH C . -1.01 18.43 -27.02
H3C2 3PH C . 0.85 16.33 -28.20
H3D1 3PH C . -0.39 18.11 -29.17
H3D1 3PH C . 1.14 16.59 -30.43
H3D2 3PH C . -1.85 17.15 -29.40
H3D2 3PH C . -0.57 16.93 -30.69
H3E1 3PH C . -0.72 15.11 -28.88
H3E1 3PH C . -1.11 14.69 -31.03
H3E2 3PH C . 0.72 15.98 -28.29
H3E2 3PH C . 0.30 14.12 -30.13
H3F1 3PH C . 1.57 16.10 -30.35
H3F1 3PH C . 1.79 14.80 -31.88
H3F2 3PH C . 0.08 16.83 -30.98
H3F2 3PH C . 0.49 15.63 -32.75
H3G1 3PH C . -0.90 14.49 -31.07
H3G1 3PH C . -0.55 13.64 -33.40
H3G2 3PH C . 0.73 13.88 -30.73
H3G2 3PH C . 0.25 12.70 -32.13
H3H1 3PH C . -0.29 15.35 -33.15
H3H1 3PH C . 2.30 13.84 -33.76
H3H2 3PH C . 1.42 15.47 -32.70
H3H2 3PH C . 1.88 12.14 -33.57
H3I1 3PH C . 0.31 13.45 -34.22
H3I1 3PH C . 1.68 12.57 -35.89
H3I2 3PH C . 1.85 13.36 -33.37
H3I2 3PH C . 0.03 12.54 -35.27
H3I3 3PH C . 0.38 12.73 -32.62
H3I3 3PH C . 0.80 14.09 -35.61
C1 PLM D . -20.44 19.59 -9.33
O1 PLM D . -21.18 18.82 -10.01
O2 PLM D . -20.93 20.61 -8.79
C2 PLM D . -18.97 19.25 -9.12
C3 PLM D . -18.57 18.10 -10.04
C4 PLM D . -17.11 17.72 -9.77
C5 PLM D . -16.19 18.87 -10.16
C6 PLM D . -14.96 18.32 -10.88
C7 PLM D . -13.95 19.43 -11.12
C8 PLM D . -12.82 18.91 -12.02
C9 PLM D . -13.29 18.91 -13.47
CA PLM D . -12.11 18.75 -14.40
CB PLM D . -12.55 19.03 -15.84
CC PLM D . -11.37 19.62 -16.61
CD PLM D . -11.80 20.04 -18.01
CE PLM D . -10.63 20.75 -18.68
CF PLM D . -10.82 20.78 -20.19
CG PLM D . -9.58 21.35 -20.86
H21 PLM D . -18.80 18.97 -8.09
H22 PLM D . -18.38 20.13 -9.35
H31 PLM D . -18.67 18.40 -11.07
H32 PLM D . -19.20 17.24 -9.84
H41 PLM D . -16.85 16.84 -10.36
H42 PLM D . -16.98 17.49 -8.72
H51 PLM D . -15.87 19.40 -9.26
H52 PLM D . -16.71 19.56 -10.81
H61 PLM D . -15.27 17.89 -11.83
H62 PLM D . -14.51 17.54 -10.28
H71 PLM D . -13.54 19.75 -10.16
H72 PLM D . -14.44 20.28 -11.60
H81 PLM D . -12.56 17.90 -11.72
H82 PLM D . -11.97 19.56 -11.91
H91 PLM D . -13.80 19.85 -13.68
H92 PLM D . -13.99 18.09 -13.62
HA1 PLM D . -11.73 17.74 -14.33
HA2 PLM D . -11.33 19.46 -14.12
HB1 PLM D . -13.38 19.73 -15.85
HB2 PLM D . -12.86 18.10 -16.31
HC1 PLM D . -10.58 18.87 -16.69
HC2 PLM D . -10.99 20.48 -16.08
HD1 PLM D . -12.66 20.70 -17.94
HD2 PLM D . -12.07 19.16 -18.59
HE1 PLM D . -9.71 20.23 -18.45
HE2 PLM D . -10.57 21.77 -18.31
HF1 PLM D . -11.68 21.40 -20.44
HF2 PLM D . -11.00 19.77 -20.55
HG1 PLM D . -9.34 22.31 -20.43
HG2 PLM D . -9.75 21.45 -21.93
HG3 PLM D . -8.73 20.67 -20.69
C1 PLM E . 12.28 17.37 -23.05
O1 PLM E . 13.17 16.50 -23.13
O2 PLM E . 12.52 18.47 -22.47
C2 PLM E . 10.89 17.10 -23.63
C3 PLM E . 9.83 17.28 -22.54
C4 PLM E . 8.59 16.43 -22.87
C5 PLM E . 7.56 16.60 -21.76
C6 PLM E . 6.43 15.58 -21.94
C7 PLM E . 5.42 15.76 -20.81
C8 PLM E . 4.04 15.32 -21.28
C9 PLM E . 2.99 15.78 -20.27
CA PLM E . 1.60 15.58 -20.86
CB PLM E . 0.55 16.15 -19.91
CC PLM E . 0.57 17.68 -19.96
CD PLM E . -0.79 18.23 -19.56
CE PLM E . -0.80 19.74 -19.79
CF PLM E . -2.21 20.28 -19.59
CG PLM E . -2.70 20.92 -20.89
H21 PLM E . 10.85 16.08 -24.00
H22 PLM E . 10.70 17.79 -24.44
H31 PLM E . 9.54 18.33 -22.50
H32 PLM E . 10.23 16.97 -21.59
H41 PLM E . 8.88 15.39 -22.95
H42 PLM E . 8.17 16.76 -23.81
H51 PLM E . 7.15 17.60 -21.80
H52 PLM E . 8.04 16.44 -20.80
H61 PLM E . 6.84 14.58 -21.90
H62 PLM E . 5.95 15.75 -22.89
H71 PLM E . 5.39 16.81 -20.51
H72 PLM E . 5.72 15.16 -19.96
H81 PLM E . 4.01 14.24 -21.36
H82 PLM E . 3.82 15.76 -22.24
H91 PLM E . 3.14 16.83 -20.06
H92 PLM E . 3.09 15.21 -19.36
HA1 PLM E . 1.42 14.51 -20.98
HA2 PLM E . 1.54 16.07 -21.82
HB1 PLM E . 0.76 15.82 -18.89
HB2 PLM E . -0.44 15.79 -20.20
HC1 PLM E . 0.80 18.00 -20.98
HC2 PLM E . 1.33 18.05 -19.29
HD1 PLM E . -0.98 18.02 -18.52
HD2 PLM E . -1.57 17.76 -20.17
HE1 PLM E . -0.47 19.95 -20.81
HE2 PLM E . -0.13 20.21 -19.09
HF1 PLM E . -2.20 21.03 -18.80
HF2 PLM E . -2.87 19.47 -19.32
HG1 PLM E . -2.77 20.15 -21.66
HG2 PLM E . -2.00 21.69 -21.20
HG3 PLM E . -3.68 21.36 -20.73
#